data_7Z4Z
#
_entry.id   7Z4Z
#
_cell.length_a   1.00
_cell.length_b   1.00
_cell.length_c   1.00
_cell.angle_alpha   90.00
_cell.angle_beta   90.00
_cell.angle_gamma   90.00
#
_symmetry.space_group_name_H-M   'P 1'
#
loop_
_entity.id
_entity.type
_entity.pdbx_description
1 polymer 'Zinc finger CCHC domain-containing protein 8'
2 polymer 'Exosome RNA helicase MTR4'
#
loop_
_entity_poly.entity_id
_entity_poly.type
_entity_poly.pdbx_seq_one_letter_code
_entity_poly.pdbx_strand_id
1 'polypeptide(L)'
;GPDSENGVGDAELRERLRQCEETIEQLRAENQELKRKLNILTRPSGILVNDTKLDGPILQILFMNNAISKQYHQEIEEFV
SNLVKRFEEQQKNDVEKTSFNLLPQPSSIVLEEDHKVEESCAIKNNKEAFSVVGSVLYFTNFCLDKLGQPLLNENPQLSE
GWEIPKYHQVFSHIVSLEGQEIQVKAKRPKPHCFNCGSEEHQMKDCPMPRNAARISEKRKEYMDACGEANNQNFQQRYHA
EEVEERFGRFKPGVISEELQDALGVTDKSLPPFIYRMRQLGYPPGWLKEAELENSGLALYD
;
A,C
2 'polypeptide(L)'
;GPDSMADAFGDELFSVFEGDSTTAAGTKKDKEKDKGKWKGPPGSADKAGKRFDGKLQSESTNNGKNKRDVDFEGTDEPIF
GKKPRIEESITEDLSLADLMPRVKVQSVETVEGCTHEVALPAEEDYLPLKPRVGKAAKEYPFILDAFQREAIQCVDNNQS
VLVSAHTSAGKTVCAEYAIALALREKQRVIFTSPIKALSNQKYREMYEEFQDVGLMTGDVTINPTASCLVMTTEILRSML
YRGSEVMREVAWVIFDEIHYMRDSERGVVWEETIILLPDNVHYVFLSATIPNARQFAEWICHLHKQPCHVIYTDYRPTPL
QHYIFPAGGDGLHLVVDENGDFREDNFNTAMQVLRDAGDLAKGDQKGRKGGTKGPSNVFKIVKMIMERNFQPVIIFSFSK
KDCEAYALQMTKLDFNTDEEKKMVEEVFSNAIDCLSDEDKKLPQVEHVLPLLKRGIGIHHGGLLPILKETIEILFSEGLI
KALFATETFAMGINMPARTVLFTNARKFDGKDFRWISSGEYIQMSGRAGRRGMDDRGIVILMVDEKMSPTIGKQLLKGSA
DPLNSAFHLTYNMVLNLLRVEEINPEYMLEKSFYQFQHYRAIPGVVEKVKNSEEQYNKIVIPNEESVVIYYKIRQQLAKL
GKEIEEYIHKPKYCLPFLQPGRLVKVKNEGDDFGWGVVVNFSKKSNVKPNSGELDPLYVVEVLLRCSKESLKNSATEAAK
PAKPDEKGEMQVVPVLVHLLSAISSVRLYIPKDLRPVDNRQSVLKSIQEVQKRFPDGIPLLDPIDDMGIQDQGLKKVIQK
VEAFEHRMYSHPLHNDPNLETVYTLCEKKAQIAIDIKSAKRELKKARTVLQMDELKCRKRVLRRLGFATSSDVIEMKGRV
ACEISSADELLLTEMMFNGLFNDLSAEQATALLSCFVFQENSSEMPKLTEQLAGPLRQMQECAKRIAKVSAEAKLEIDEE
TYLSSFKPHLMDVVYTWATGATFAHICKMTDVFEGSIIRCMRRLEELLRQMCQAAKAIGNTELENKFAEGITKIKRDIVF
AASLYL
;
B,D
#
# COMPACT_ATOMS: atom_id res chain seq x y z
N GLU A 25 -10.93 8.12 -27.47
CA GLU A 25 -9.76 8.10 -28.35
C GLU A 25 -8.60 8.87 -27.73
N GLN A 26 -8.42 10.12 -28.17
CA GLN A 26 -7.37 10.97 -27.62
C GLN A 26 -7.55 11.15 -26.11
N LEU A 27 -8.77 11.50 -25.69
CA LEU A 27 -9.02 11.70 -24.26
C LEU A 27 -9.04 10.38 -23.51
N ARG A 28 -9.56 9.33 -24.12
CA ARG A 28 -9.65 8.01 -23.48
C ARG A 28 -8.30 7.29 -23.42
N ALA A 29 -7.21 7.94 -23.79
CA ALA A 29 -5.88 7.32 -23.68
C ALA A 29 -5.53 7.07 -22.22
N GLU A 30 -5.67 8.08 -21.36
CA GLU A 30 -5.31 7.97 -19.97
C GLU A 30 -6.43 7.41 -19.10
N ASN A 31 -7.68 7.73 -19.42
CA ASN A 31 -8.81 7.24 -18.65
C ASN A 31 -8.83 5.71 -18.64
N GLN A 32 -8.79 5.09 -19.82
CA GLN A 32 -8.70 3.63 -19.89
C GLN A 32 -7.46 3.10 -19.19
N GLU A 33 -6.41 3.91 -19.11
CA GLU A 33 -5.16 3.47 -18.49
C GLU A 33 -5.24 3.52 -16.97
N LEU A 34 -5.53 4.71 -16.41
CA LEU A 34 -5.57 4.90 -14.96
C LEU A 34 -6.57 4.00 -14.25
N LYS A 35 -7.45 3.32 -14.99
CA LYS A 35 -8.36 2.37 -14.36
C LYS A 35 -7.61 1.30 -13.59
N ARG A 36 -6.54 0.75 -14.20
CA ARG A 36 -5.62 -0.13 -13.48
C ARG A 36 -5.23 0.44 -12.12
N LYS A 37 -4.73 1.68 -12.11
CA LYS A 37 -4.25 2.28 -10.87
C LYS A 37 -5.37 2.49 -9.86
N LEU A 38 -6.57 2.85 -10.32
CA LEU A 38 -7.70 3.06 -9.43
C LEU A 38 -8.52 1.80 -9.23
N ASN A 39 -7.96 0.65 -9.62
CA ASN A 39 -8.55 -0.65 -9.32
C ASN A 39 -7.59 -1.50 -8.50
N ILE A 40 -6.30 -1.15 -8.48
CA ILE A 40 -5.34 -1.84 -7.63
C ILE A 40 -5.67 -1.67 -6.16
N LEU A 41 -6.48 -0.67 -5.82
CA LEU A 41 -7.01 -0.56 -4.47
C LEU A 41 -7.86 -1.78 -4.11
N THR A 42 -8.78 -2.15 -5.00
CA THR A 42 -9.53 -3.40 -5.03
C THR A 42 -10.76 -3.39 -4.13
N ARG A 43 -11.88 -3.88 -4.67
CA ARG A 43 -13.07 -4.21 -3.88
C ARG A 43 -13.86 -5.25 -4.66
N PRO A 44 -13.36 -6.52 -4.69
CA PRO A 44 -13.87 -7.52 -5.64
C PRO A 44 -15.39 -7.57 -5.78
N SER A 45 -16.10 -7.76 -4.67
CA SER A 45 -17.56 -7.74 -4.68
C SER A 45 -18.05 -7.45 -3.27
N GLY A 46 -19.35 -7.61 -3.06
CA GLY A 46 -19.91 -7.61 -1.73
C GLY A 46 -19.47 -8.81 -0.93
N ILE A 47 -18.66 -8.59 0.10
CA ILE A 47 -18.11 -9.67 0.91
C ILE A 47 -18.94 -9.80 2.18
N LEU A 48 -19.32 -11.03 2.51
CA LEU A 48 -20.10 -11.30 3.71
C LEU A 48 -19.18 -11.27 4.93
N VAL A 49 -19.37 -10.27 5.78
CA VAL A 49 -18.59 -10.14 7.01
C VAL A 49 -19.55 -9.96 8.18
N ASN A 50 -19.21 -10.57 9.32
CA ASN A 50 -20.01 -10.51 10.53
C ASN A 50 -19.33 -9.76 11.65
N ASP A 51 -18.09 -10.14 11.98
CA ASP A 51 -17.35 -9.57 13.11
C ASP A 51 -16.79 -8.20 12.71
N THR A 52 -17.70 -7.22 12.67
CA THR A 52 -17.34 -5.86 12.29
C THR A 52 -16.23 -5.33 13.19
N LYS A 53 -15.14 -4.90 12.56
CA LYS A 53 -13.89 -4.41 13.16
C LYS A 53 -13.03 -5.54 13.69
N LEU A 54 -13.37 -6.80 13.41
CA LEU A 54 -12.46 -7.90 13.64
C LEU A 54 -12.48 -8.91 12.49
N ASP A 55 -13.25 -8.66 11.43
CA ASP A 55 -13.34 -9.53 10.26
C ASP A 55 -13.14 -8.66 9.02
N GLY A 56 -11.88 -8.51 8.60
CA GLY A 56 -11.57 -7.65 7.48
C GLY A 56 -10.10 -7.37 7.33
N PRO A 57 -9.73 -6.73 6.21
CA PRO A 57 -8.32 -6.47 5.91
C PRO A 57 -7.57 -5.83 7.08
N ILE A 58 -6.29 -6.18 7.19
CA ILE A 58 -5.41 -5.65 8.22
C ILE A 58 -4.45 -4.61 7.65
N LEU A 59 -3.77 -4.94 6.56
CA LEU A 59 -2.84 -4.03 5.90
C LEU A 59 -3.01 -4.16 4.39
N GLN A 60 -2.28 -3.32 3.66
CA GLN A 60 -2.16 -3.48 2.21
C GLN A 60 -0.76 -3.00 1.83
N ILE A 61 0.18 -3.93 1.71
CA ILE A 61 1.56 -3.59 1.38
C ILE A 61 1.70 -3.44 -0.13
N LEU A 62 2.37 -2.38 -0.56
CA LEU A 62 2.67 -2.14 -1.96
C LEU A 62 4.19 -2.30 -2.14
N PHE A 63 4.60 -3.47 -2.62
CA PHE A 63 6.02 -3.75 -2.79
C PHE A 63 6.59 -2.94 -3.94
N MET A 64 7.80 -2.43 -3.73
CA MET A 64 8.48 -1.60 -4.71
C MET A 64 9.76 -2.28 -5.18
N ASN A 65 10.27 -1.84 -6.32
CA ASN A 65 11.47 -2.41 -6.92
C ASN A 65 12.69 -1.95 -6.11
N ASN A 66 13.21 -2.85 -5.29
CA ASN A 66 14.36 -2.56 -4.43
C ASN A 66 14.89 -3.87 -3.89
N ALA A 67 16.23 -4.00 -3.89
CA ALA A 67 16.85 -5.25 -3.45
C ALA A 67 16.45 -5.64 -2.04
N ILE A 68 16.12 -4.66 -1.19
CA ILE A 68 15.66 -4.97 0.16
C ILE A 68 14.30 -5.64 0.13
N SER A 69 13.38 -5.12 -0.68
CA SER A 69 12.00 -5.59 -0.71
C SER A 69 11.79 -6.79 -1.62
N LYS A 70 12.87 -7.35 -2.20
CA LYS A 70 12.74 -8.53 -3.03
C LYS A 70 13.68 -9.65 -2.59
N GLN A 71 14.38 -9.49 -1.46
CA GLN A 71 15.13 -10.56 -0.83
C GLN A 71 14.51 -11.02 0.48
N TYR A 72 13.97 -10.09 1.26
CA TYR A 72 13.29 -10.39 2.52
C TYR A 72 11.78 -10.51 2.35
N HIS A 73 11.33 -10.86 1.15
CA HIS A 73 9.89 -10.84 0.86
C HIS A 73 9.14 -11.86 1.71
N GLN A 74 9.66 -13.08 1.83
CA GLN A 74 9.00 -14.08 2.66
C GLN A 74 9.04 -13.71 4.13
N GLU A 75 10.08 -12.98 4.56
CA GLU A 75 10.14 -12.51 5.93
C GLU A 75 8.99 -11.55 6.24
N ILE A 76 8.55 -10.77 5.26
CA ILE A 76 7.43 -9.85 5.47
C ILE A 76 6.16 -10.63 5.78
N GLU A 77 5.89 -11.68 4.99
CA GLU A 77 4.69 -12.47 5.22
C GLU A 77 4.78 -13.26 6.52
N GLU A 78 5.99 -13.73 6.86
CA GLU A 78 6.18 -14.38 8.15
C GLU A 78 5.91 -13.42 9.31
N PHE A 79 6.37 -12.18 9.18
CA PHE A 79 6.10 -11.16 10.18
C PHE A 79 4.61 -10.90 10.32
N VAL A 80 3.90 -10.78 9.19
CA VAL A 80 2.46 -10.51 9.26
C VAL A 80 1.72 -11.69 9.87
N SER A 81 2.14 -12.92 9.56
CA SER A 81 1.52 -14.09 10.16
C SER A 81 1.76 -14.14 11.66
N ASN A 82 3.00 -13.87 12.09
CA ASN A 82 3.28 -13.84 13.52
C ASN A 82 2.51 -12.73 14.21
N LEU A 83 2.28 -11.60 13.53
CA LEU A 83 1.49 -10.52 14.10
C LEU A 83 0.05 -10.94 14.31
N VAL A 84 -0.59 -11.47 13.25
CA VAL A 84 -1.98 -11.90 13.39
C VAL A 84 -2.10 -13.01 14.43
N LYS A 85 -1.07 -13.85 14.57
CA LYS A 85 -1.12 -14.92 15.57
C LYS A 85 -1.00 -14.36 16.98
N ARG A 86 -0.03 -13.48 17.22
CA ARG A 86 0.16 -12.90 18.55
C ARG A 86 -1.00 -12.01 18.95
N PHE A 87 -1.75 -11.47 17.99
CA PHE A 87 -2.95 -10.73 18.37
C PHE A 87 -4.00 -11.64 19.00
N GLU A 88 -4.00 -12.93 18.68
CA GLU A 88 -5.01 -13.86 19.16
C GLU A 88 -4.67 -14.50 20.51
N GLU A 89 -3.63 -14.04 21.19
CA GLU A 89 -3.27 -14.58 22.50
C GLU A 89 -3.60 -13.62 23.64
N GLN A 90 -4.68 -12.86 23.48
CA GLN A 90 -5.13 -11.93 24.51
C GLN A 90 -6.64 -12.05 24.64
N GLN A 91 -7.12 -12.11 25.89
CA GLN A 91 -8.55 -12.25 26.14
C GLN A 91 -8.86 -11.65 27.51
N LYS A 92 -10.13 -11.77 27.91
CA LYS A 92 -10.65 -11.23 29.18
C LYS A 92 -10.19 -9.79 29.41
N ASN A 93 -10.09 -9.01 28.34
CA ASN A 93 -9.70 -7.61 28.43
C ASN A 93 -10.54 -6.80 27.46
N ASP A 94 -10.64 -5.50 27.74
CA ASP A 94 -11.25 -4.54 26.82
C ASP A 94 -10.14 -3.58 26.41
N VAL A 95 -9.42 -3.96 25.34
CA VAL A 95 -8.25 -3.23 24.90
C VAL A 95 -8.34 -2.93 23.41
N GLU A 96 -9.49 -3.26 22.80
CA GLU A 96 -9.58 -3.19 21.34
C GLU A 96 -9.57 -1.75 20.86
N LYS A 97 -10.54 -0.94 21.29
CA LYS A 97 -10.47 0.50 21.06
C LYS A 97 -10.42 1.29 22.35
N THR A 98 -11.31 0.99 23.30
CA THR A 98 -11.32 1.48 24.68
C THR A 98 -11.66 2.96 24.78
N SER A 99 -11.85 3.66 23.65
CA SER A 99 -12.08 5.09 23.67
C SER A 99 -13.16 5.57 22.71
N PHE A 100 -13.88 4.65 22.06
CA PHE A 100 -14.79 5.00 20.97
C PHE A 100 -14.04 5.75 19.87
N ASN A 101 -13.06 5.06 19.29
CA ASN A 101 -12.11 5.65 18.34
C ASN A 101 -12.81 5.82 17.00
N LEU A 102 -13.54 6.92 16.87
CA LEU A 102 -14.18 7.27 15.60
C LEU A 102 -13.14 7.47 14.50
N LEU A 103 -13.63 7.51 13.27
CA LEU A 103 -12.78 7.54 12.08
C LEU A 103 -12.20 8.94 11.86
N PRO A 104 -10.96 9.02 11.38
CA PRO A 104 -10.44 10.27 10.81
C PRO A 104 -11.05 10.49 9.45
N GLN A 105 -10.63 11.53 8.71
CA GLN A 105 -11.28 11.79 7.43
C GLN A 105 -10.56 11.01 6.33
N PRO A 106 -11.12 9.87 5.91
CA PRO A 106 -10.41 8.98 4.99
C PRO A 106 -10.65 9.31 3.53
N SER A 107 -10.06 8.50 2.65
CA SER A 107 -10.47 8.42 1.25
C SER A 107 -10.83 6.96 0.98
N SER A 108 -12.12 6.68 0.91
CA SER A 108 -12.58 5.30 0.83
C SER A 108 -12.23 4.67 -0.51
N ILE A 109 -12.00 3.36 -0.48
CA ILE A 109 -11.78 2.60 -1.71
C ILE A 109 -13.05 2.65 -2.57
N VAL A 110 -12.85 2.73 -3.89
CA VAL A 110 -13.97 2.74 -4.81
C VAL A 110 -14.83 1.49 -4.63
N LEU A 111 -16.13 1.65 -4.81
CA LEU A 111 -17.09 0.55 -4.69
C LEU A 111 -17.30 -0.04 -6.07
N GLU A 112 -16.55 -1.11 -6.37
CA GLU A 112 -16.64 -1.76 -7.67
C GLU A 112 -17.77 -2.77 -7.68
N GLU A 113 -18.62 -2.70 -8.70
CA GLU A 113 -19.76 -3.60 -8.85
C GLU A 113 -19.46 -4.60 -9.96
N ASP A 114 -19.40 -5.88 -9.60
CA ASP A 114 -19.14 -6.93 -10.58
C ASP A 114 -20.08 -8.11 -10.36
N LYS A 124 -25.95 -0.33 -0.75
CA LYS A 124 -26.60 -1.36 0.04
C LYS A 124 -26.11 -1.35 1.48
N ASN A 125 -25.70 -2.51 1.98
CA ASN A 125 -25.19 -2.64 3.33
C ASN A 125 -23.68 -2.44 3.33
N ASN A 126 -23.04 -2.72 4.47
CA ASN A 126 -21.59 -2.63 4.64
C ASN A 126 -21.12 -1.21 4.31
N LYS A 127 -21.63 -0.26 5.10
CA LYS A 127 -21.20 1.14 5.00
C LYS A 127 -19.96 1.42 5.84
N GLU A 128 -19.59 0.49 6.71
CA GLU A 128 -18.42 0.58 7.58
C GLU A 128 -17.14 0.15 6.84
N ALA A 129 -17.19 0.12 5.51
CA ALA A 129 -16.20 -0.57 4.70
C ALA A 129 -14.84 0.13 4.76
N PHE A 130 -13.88 -0.43 4.03
CA PHE A 130 -12.46 -0.35 4.34
C PHE A 130 -12.00 1.03 4.83
N SER A 131 -12.29 2.08 4.06
CA SER A 131 -12.06 3.47 4.48
C SER A 131 -10.63 3.66 4.99
N VAL A 132 -9.67 3.44 4.07
CA VAL A 132 -8.25 3.44 4.43
C VAL A 132 -7.90 4.69 5.24
N VAL A 133 -7.02 4.51 6.21
CA VAL A 133 -6.76 5.55 7.21
C VAL A 133 -5.27 5.87 7.30
N GLY A 134 -4.53 5.59 6.24
CA GLY A 134 -3.12 5.98 6.22
C GLY A 134 -2.29 5.35 5.11
N SER A 135 -1.10 5.92 4.88
CA SER A 135 -0.19 5.44 3.86
C SER A 135 1.19 6.05 4.09
N VAL A 136 2.24 5.21 4.08
CA VAL A 136 3.59 5.67 4.39
C VAL A 136 4.57 5.06 3.40
N LEU A 137 5.49 5.89 2.92
CA LEU A 137 6.64 5.43 2.14
C LEU A 137 7.88 5.46 3.02
N TYR A 138 8.65 4.37 2.99
CA TYR A 138 9.88 4.25 3.76
C TYR A 138 11.09 4.39 2.83
N PHE A 139 11.97 5.33 3.15
CA PHE A 139 13.18 5.56 2.35
C PHE A 139 14.46 5.28 3.14
N THR A 140 14.34 4.56 4.25
CA THR A 140 15.41 4.09 5.13
C THR A 140 16.11 5.20 5.91
N ASN A 141 15.74 6.46 5.71
CA ASN A 141 16.16 7.52 6.61
C ASN A 141 15.06 8.52 6.94
N PHE A 142 13.85 8.33 6.46
CA PHE A 142 12.70 9.17 6.81
C PHE A 142 11.44 8.39 6.44
N CYS A 143 10.30 9.08 6.50
CA CYS A 143 9.01 8.45 6.23
C CYS A 143 8.07 9.50 5.67
N LEU A 144 7.50 9.21 4.50
CA LEU A 144 6.64 10.15 3.78
C LEU A 144 5.19 9.83 4.11
N ASP A 145 4.75 10.31 5.26
CA ASP A 145 3.42 9.99 5.77
C ASP A 145 2.36 10.82 5.07
N LYS A 146 1.11 10.36 5.22
CA LYS A 146 -0.06 11.12 4.79
C LYS A 146 -1.26 10.58 5.55
N LEU A 147 -2.36 11.35 5.53
CA LEU A 147 -3.63 11.04 6.19
C LEU A 147 -3.52 11.05 7.70
N GLY A 148 -2.36 11.37 8.26
CA GLY A 148 -2.21 11.44 9.71
C GLY A 148 -2.40 10.10 10.38
N GLN A 149 -3.15 10.10 11.47
CA GLN A 149 -3.34 8.94 12.33
C GLN A 149 -4.55 9.15 13.22
N PRO A 150 -5.46 8.18 13.32
CA PRO A 150 -6.70 8.41 14.06
C PRO A 150 -6.45 8.53 15.56
N LEU A 151 -7.32 9.30 16.21
CA LEU A 151 -7.22 9.58 17.63
C LEU A 151 -8.52 10.25 18.10
N LEU A 152 -8.86 10.02 19.36
CA LEU A 152 -10.11 10.53 19.92
C LEU A 152 -10.06 12.05 20.05
N ASN A 153 -11.17 12.62 20.50
CA ASN A 153 -11.34 14.08 20.58
C ASN A 153 -10.11 14.82 21.07
N GLU A 154 -9.54 14.39 22.20
CA GLU A 154 -8.38 15.06 22.80
C GLU A 154 -7.53 14.00 23.50
N ASN A 155 -6.59 14.47 24.33
CA ASN A 155 -5.76 13.60 25.17
C ASN A 155 -5.00 12.58 24.34
N PRO A 156 -4.01 13.01 23.53
CA PRO A 156 -3.32 12.05 22.66
C PRO A 156 -2.34 11.17 23.42
N GLN A 157 -2.83 10.51 24.48
CA GLN A 157 -2.04 9.53 25.21
C GLN A 157 -2.86 8.30 25.57
N LEU A 158 -4.08 8.20 25.02
CA LEU A 158 -4.99 7.06 25.33
C LEU A 158 -5.50 6.44 24.04
N SER A 159 -4.63 6.34 23.03
CA SER A 159 -4.99 5.76 21.75
C SER A 159 -3.89 4.81 21.29
N GLU A 160 -4.26 3.91 20.39
CA GLU A 160 -3.34 2.88 19.92
C GLU A 160 -2.31 3.49 18.99
N GLY A 161 -1.05 3.31 19.31
CA GLY A 161 0.02 4.03 18.65
C GLY A 161 0.51 5.17 19.50
N TRP A 162 1.19 6.12 18.84
CA TRP A 162 1.62 7.36 19.47
C TRP A 162 2.51 7.08 20.69
N GLU A 163 3.65 6.44 20.42
CA GLU A 163 4.67 6.21 21.44
C GLU A 163 5.53 7.47 21.55
N ILE A 164 5.20 8.34 22.50
CA ILE A 164 5.91 9.63 22.60
C ILE A 164 7.30 9.39 23.18
N PRO A 165 8.34 10.02 22.63
CA PRO A 165 9.67 9.93 23.24
C PRO A 165 9.73 10.61 24.59
N LYS A 166 10.88 10.55 25.26
CA LYS A 166 11.04 11.12 26.59
C LYS A 166 11.87 12.39 26.48
N TYR A 167 11.32 13.49 26.99
CA TYR A 167 11.95 14.80 26.92
C TYR A 167 12.05 15.38 28.33
N HIS A 168 12.84 16.46 28.45
CA HIS A 168 13.12 17.05 29.74
C HIS A 168 12.32 18.32 30.01
N GLN A 169 11.97 19.07 28.95
CA GLN A 169 11.15 20.29 29.09
C GLN A 169 11.81 21.29 30.02
N VAL A 170 13.02 21.73 29.64
CA VAL A 170 13.82 22.61 30.49
C VAL A 170 13.28 24.03 30.51
N PHE A 171 12.40 24.40 29.59
CA PHE A 171 11.85 25.75 29.55
C PHE A 171 10.60 25.84 30.43
N SER A 172 10.24 27.09 30.76
CA SER A 172 9.07 27.34 31.59
C SER A 172 8.23 28.52 31.10
N HIS A 173 8.45 29.00 29.88
CA HIS A 173 7.76 30.18 29.37
C HIS A 173 7.44 29.93 27.90
N ILE A 174 6.19 29.58 27.60
CA ILE A 174 5.81 29.24 26.24
C ILE A 174 5.77 30.50 25.39
N VAL A 175 6.16 30.38 24.12
CA VAL A 175 6.08 31.51 23.21
C VAL A 175 4.63 31.80 22.87
N SER A 176 4.35 33.04 22.49
CA SER A 176 3.00 33.45 22.11
C SER A 176 3.09 34.69 21.24
N LEU A 177 1.96 35.06 20.65
CA LEU A 177 1.90 36.28 19.85
C LEU A 177 1.95 37.52 20.75
N GLU A 178 0.98 37.64 21.66
CA GLU A 178 0.95 38.75 22.60
C GLU A 178 0.08 38.36 23.78
N GLY A 179 0.66 38.37 24.98
CA GLY A 179 -0.08 38.02 26.17
C GLY A 179 -0.27 36.51 26.32
N GLN A 180 -1.10 36.17 27.29
CA GLN A 180 -1.45 34.77 27.59
C GLN A 180 -0.21 33.93 27.87
N GLU A 181 0.73 34.51 28.62
CA GLU A 181 1.96 33.81 28.97
C GLU A 181 1.71 32.83 30.12
N ILE A 182 2.52 31.78 30.15
CA ILE A 182 2.41 30.75 31.18
C ILE A 182 2.92 31.29 32.52
N GLU B 624 5.53 53.71 -13.82
CA GLU B 624 5.84 53.42 -12.42
C GLU B 624 4.68 52.72 -11.73
N GLU B 625 3.49 52.83 -12.32
CA GLU B 625 2.30 52.20 -11.75
C GLU B 625 2.36 50.68 -11.83
N SER B 626 3.18 50.13 -12.73
CA SER B 626 3.27 48.67 -12.84
C SER B 626 3.84 48.05 -11.58
N VAL B 627 4.92 48.63 -11.03
CA VAL B 627 5.48 48.12 -9.80
C VAL B 627 4.52 48.31 -8.63
N VAL B 628 3.71 49.38 -8.66
CA VAL B 628 2.72 49.61 -7.62
C VAL B 628 1.67 48.51 -7.65
N ILE B 629 1.16 48.20 -8.85
CA ILE B 629 0.17 47.13 -8.98
C ILE B 629 0.77 45.79 -8.60
N TYR B 630 2.05 45.58 -8.93
CA TYR B 630 2.72 44.34 -8.55
C TYR B 630 2.80 44.20 -7.04
N TYR B 631 3.21 45.27 -6.35
CA TYR B 631 3.24 45.24 -4.88
C TYR B 631 1.86 45.03 -4.30
N LYS B 632 0.84 45.65 -4.89
CA LYS B 632 -0.53 45.47 -4.42
C LYS B 632 -0.96 44.02 -4.53
N ILE B 633 -0.72 43.40 -5.70
CA ILE B 633 -1.13 42.01 -5.88
C ILE B 633 -0.29 41.09 -5.01
N ARG B 634 0.96 41.45 -4.73
CA ARG B 634 1.78 40.66 -3.83
C ARG B 634 1.23 40.69 -2.40
N GLN B 635 0.89 41.88 -1.92
CA GLN B 635 0.31 41.99 -0.59
C GLN B 635 -1.04 41.27 -0.51
N GLN B 636 -1.83 41.34 -1.59
CA GLN B 636 -3.09 40.59 -1.62
C GLN B 636 -2.85 39.09 -1.55
N LEU B 637 -1.88 38.60 -2.33
CA LEU B 637 -1.51 37.19 -2.27
C LEU B 637 -1.07 36.79 -0.86
N ALA B 638 -0.28 37.65 -0.21
CA ALA B 638 0.20 37.33 1.13
C ALA B 638 -0.95 37.28 2.14
N LYS B 639 -1.86 38.26 2.08
CA LYS B 639 -2.99 38.25 3.00
C LYS B 639 -3.90 37.06 2.76
N LEU B 640 -4.09 36.67 1.50
CA LEU B 640 -4.88 35.48 1.21
C LEU B 640 -4.17 34.22 1.70
N GLY B 641 -2.85 34.16 1.57
CA GLY B 641 -2.10 33.05 2.12
C GLY B 641 -2.26 32.94 3.62
N LYS B 642 -2.20 34.07 4.33
CA LYS B 642 -2.43 34.06 5.76
C LYS B 642 -3.86 33.65 6.09
N GLU B 643 -4.82 34.02 5.24
CA GLU B 643 -6.21 33.67 5.51
C GLU B 643 -6.47 32.19 5.29
N ILE B 644 -5.76 31.57 4.35
CA ILE B 644 -5.90 30.12 4.21
C ILE B 644 -5.09 29.39 5.27
N GLU B 645 -3.95 29.96 5.69
CA GLU B 645 -3.18 29.35 6.76
C GLU B 645 -3.94 29.37 8.08
N GLU B 646 -4.80 30.37 8.26
CA GLU B 646 -5.66 30.41 9.44
C GLU B 646 -6.69 29.30 9.45
N TYR B 647 -6.90 28.64 8.30
CA TYR B 647 -7.74 27.47 8.21
C TYR B 647 -6.97 26.17 8.23
N ILE B 648 -5.73 26.15 7.74
CA ILE B 648 -5.01 24.89 7.64
C ILE B 648 -4.57 24.38 9.02
N HIS B 649 -4.30 25.27 9.97
CA HIS B 649 -3.78 24.83 11.27
C HIS B 649 -4.83 24.96 12.37
N LYS B 650 -6.10 25.18 12.02
CA LYS B 650 -7.14 25.12 13.02
C LYS B 650 -7.20 23.71 13.60
N PRO B 651 -7.41 23.56 14.92
CA PRO B 651 -7.28 22.24 15.56
C PRO B 651 -8.51 21.36 15.39
N LYS B 652 -8.98 21.24 14.14
CA LYS B 652 -9.99 20.27 13.76
C LYS B 652 -9.43 19.23 12.80
N TYR B 653 -8.84 19.67 11.69
CA TYR B 653 -8.27 18.76 10.70
C TYR B 653 -6.78 18.52 10.88
N CYS B 654 -6.08 19.36 11.65
CA CYS B 654 -4.63 19.26 11.77
C CYS B 654 -4.17 18.52 13.03
N LEU B 655 -5.08 18.14 13.90
CA LEU B 655 -4.69 17.45 15.13
C LEU B 655 -4.27 16.00 14.87
N PRO B 656 -4.94 15.26 14.00
CA PRO B 656 -4.40 13.94 13.61
C PRO B 656 -3.13 14.01 12.79
N PHE B 657 -2.64 15.21 12.45
CA PHE B 657 -1.43 15.38 11.65
C PHE B 657 -0.25 15.84 12.49
N LEU B 658 -0.29 15.61 13.81
CA LEU B 658 0.71 16.13 14.73
C LEU B 658 1.50 15.00 15.39
N GLN B 659 1.83 13.97 14.61
CA GLN B 659 2.66 12.88 15.10
C GLN B 659 4.08 13.38 15.34
N PRO B 660 4.88 12.65 16.12
CA PRO B 660 6.25 13.10 16.36
C PRO B 660 7.13 12.98 15.12
N GLY B 661 7.51 14.11 14.53
CA GLY B 661 8.42 14.10 13.40
C GLY B 661 7.91 14.82 12.17
N ARG B 662 6.84 15.60 12.29
CA ARG B 662 6.18 16.17 11.11
C ARG B 662 6.96 17.32 10.48
N LEU B 663 8.06 17.76 11.10
CA LEU B 663 8.87 18.85 10.56
C LEU B 663 8.05 20.13 10.37
N VAL B 664 7.49 20.62 11.47
CA VAL B 664 6.69 21.83 11.45
C VAL B 664 7.60 23.06 11.47
N LYS B 665 7.04 24.22 11.15
CA LYS B 665 7.76 25.48 11.19
C LYS B 665 7.05 26.44 12.14
N VAL B 666 7.84 27.28 12.81
CA VAL B 666 7.32 28.25 13.76
C VAL B 666 7.98 29.60 13.52
N LYS B 667 7.17 30.65 13.43
CA LYS B 667 7.66 32.02 13.24
C LYS B 667 6.64 32.95 13.90
N ASN B 668 6.96 33.41 15.11
CA ASN B 668 6.05 34.34 15.80
C ASN B 668 6.41 35.80 15.50
N GLU B 669 6.50 36.12 14.21
CA GLU B 669 6.56 37.47 13.65
C GLU B 669 7.85 38.21 13.96
N GLY B 670 8.77 37.62 14.73
CA GLY B 670 10.02 38.29 15.03
C GLY B 670 11.24 37.67 14.38
N ASP B 671 11.22 36.35 14.23
CA ASP B 671 12.36 35.61 13.73
C ASP B 671 11.91 34.22 13.34
N ASP B 672 12.68 33.58 12.47
CA ASP B 672 12.41 32.22 12.03
C ASP B 672 13.30 31.26 12.82
N PHE B 673 12.68 30.24 13.41
CA PHE B 673 13.44 29.26 14.17
C PHE B 673 14.08 28.22 13.26
N GLY B 674 13.37 27.80 12.23
CA GLY B 674 13.88 26.84 11.26
C GLY B 674 12.97 25.63 11.14
N TRP B 675 13.57 24.50 10.83
CA TRP B 675 12.88 23.22 10.80
C TRP B 675 13.15 22.45 12.08
N GLY B 676 12.12 21.85 12.64
CA GLY B 676 12.26 21.07 13.85
C GLY B 676 11.26 19.94 13.89
N VAL B 677 11.62 18.88 14.60
CA VAL B 677 10.78 17.70 14.72
C VAL B 677 9.86 17.87 15.92
N VAL B 678 8.62 17.43 15.77
CA VAL B 678 7.64 17.50 16.85
C VAL B 678 7.93 16.39 17.85
N VAL B 679 7.78 16.69 19.13
CA VAL B 679 7.99 15.72 20.20
C VAL B 679 6.70 15.33 20.89
N ASN B 680 5.79 16.28 21.08
CA ASN B 680 4.53 15.99 21.75
C ASN B 680 3.58 17.18 21.54
N PHE B 681 2.33 16.99 21.97
CA PHE B 681 1.40 18.11 22.06
C PHE B 681 0.31 17.76 23.06
N SER B 682 -0.40 18.78 23.52
CA SER B 682 -1.41 18.61 24.54
C SER B 682 -2.40 19.77 24.47
N LYS B 683 -3.60 19.50 24.99
CA LYS B 683 -4.67 20.49 25.06
C LYS B 683 -4.71 21.21 26.41
N LYS B 684 -3.55 21.31 27.08
CA LYS B 684 -3.46 21.94 28.39
C LYS B 684 -4.08 23.33 28.39
N SER B 685 -5.10 23.51 29.22
CA SER B 685 -5.83 24.77 29.28
C SER B 685 -5.18 25.72 30.29
N ASN B 686 -5.66 26.96 30.30
CA ASN B 686 -5.09 28.02 31.13
C ASN B 686 -5.54 27.83 32.58
N VAL B 687 -4.62 27.43 33.44
CA VAL B 687 -4.90 27.31 34.87
C VAL B 687 -4.90 28.69 35.50
N LYS B 688 -5.89 28.93 36.37
CA LYS B 688 -6.16 30.25 36.94
C LYS B 688 -6.28 31.27 35.82
N PRO B 689 -7.35 31.20 35.01
CA PRO B 689 -7.45 32.05 33.81
C PRO B 689 -7.59 33.52 34.18
N ASN B 690 -6.63 34.32 33.73
CA ASN B 690 -6.70 35.77 33.91
C ASN B 690 -7.75 36.35 32.97
N SER B 691 -8.68 37.13 33.53
CA SER B 691 -9.80 37.70 32.78
C SER B 691 -10.63 36.62 32.11
N GLY B 692 -10.86 35.53 32.83
CA GLY B 692 -11.68 34.43 32.32
C GLY B 692 -11.05 33.70 31.16
N GLU B 693 -11.81 32.73 30.64
CA GLU B 693 -11.35 31.87 29.56
C GLU B 693 -12.56 31.26 28.87
N LEU B 694 -12.61 31.40 27.54
CA LEU B 694 -13.73 30.87 26.77
C LEU B 694 -13.29 30.09 25.53
N ASP B 695 -12.02 30.14 25.15
CA ASP B 695 -11.52 29.31 24.07
C ASP B 695 -10.35 28.46 24.55
N PRO B 696 -10.31 27.19 24.17
CA PRO B 696 -9.19 26.33 24.61
C PRO B 696 -7.96 26.54 23.73
N LEU B 697 -6.79 26.45 24.36
CA LEU B 697 -5.51 26.54 23.66
C LEU B 697 -4.81 25.20 23.69
N TYR B 698 -3.84 25.05 22.80
CA TYR B 698 -3.04 23.83 22.70
C TYR B 698 -1.56 24.19 22.71
N VAL B 699 -0.76 23.39 23.40
CA VAL B 699 0.68 23.59 23.48
C VAL B 699 1.38 22.40 22.84
N VAL B 700 2.30 22.68 21.92
CA VAL B 700 3.03 21.65 21.20
C VAL B 700 4.50 21.74 21.59
N GLU B 701 5.05 20.65 22.10
CA GLU B 701 6.47 20.57 22.40
C GLU B 701 7.19 20.10 21.15
N VAL B 702 7.97 21.02 20.56
CA VAL B 702 8.71 20.76 19.33
C VAL B 702 10.20 20.93 19.62
N LEU B 703 11.02 20.12 18.97
CA LEU B 703 12.46 20.08 19.27
C LEU B 703 13.16 21.09 18.37
N LEU B 704 13.43 22.28 18.89
CA LEU B 704 14.03 23.35 18.12
C LEU B 704 15.52 23.47 18.41
N ARG B 705 16.17 24.33 17.63
CA ARG B 705 17.60 24.63 17.79
C ARG B 705 17.74 26.02 18.41
N CYS B 706 17.97 26.07 19.72
CA CYS B 706 18.15 27.32 20.44
C CYS B 706 19.63 27.64 20.57
N SER B 707 19.92 28.81 21.12
CA SER B 707 21.28 29.29 21.29
C SER B 707 21.81 28.96 22.69
N LYS B 708 23.12 29.07 22.84
CA LYS B 708 23.75 28.80 24.13
C LYS B 708 23.39 29.84 25.17
N GLU B 709 23.43 31.12 24.80
CA GLU B 709 23.11 32.19 25.74
C GLU B 709 21.67 32.11 26.22
N SER B 710 20.75 31.67 25.36
CA SER B 710 19.37 31.53 25.77
C SER B 710 19.19 30.41 26.79
N LEU B 711 19.92 29.31 26.61
CA LEU B 711 19.83 28.21 27.57
C LEU B 711 20.54 28.55 28.87
N LYS B 712 21.59 29.38 28.82
CA LYS B 712 22.36 29.68 30.02
C LYS B 712 21.50 30.33 31.08
N ASN B 713 20.49 31.10 30.69
CA ASN B 713 19.48 31.60 31.61
C ASN B 713 18.20 30.76 31.58
N SER B 714 17.61 30.59 30.39
CA SER B 714 16.46 29.71 30.19
C SER B 714 15.28 30.07 31.09
N ALA B 715 15.16 31.34 31.47
CA ALA B 715 14.05 31.77 32.30
C ALA B 715 13.36 33.05 31.84
N THR B 716 13.95 33.81 30.92
CA THR B 716 13.38 35.13 30.61
C THR B 716 12.21 35.04 29.63
N GLU B 717 12.44 34.52 28.42
CA GLU B 717 11.33 34.33 27.48
C GLU B 717 11.37 33.01 26.73
N ALA B 718 12.38 32.16 26.94
CA ALA B 718 12.57 30.94 26.15
C ALA B 718 12.54 31.27 24.66
N ALA B 719 13.50 32.11 24.25
CA ALA B 719 13.46 32.75 22.94
C ALA B 719 14.88 32.97 22.46
N LYS B 720 15.02 33.82 21.43
CA LYS B 720 16.29 34.13 20.78
C LYS B 720 16.98 32.87 20.25
N PRO B 721 16.41 32.23 19.22
CA PRO B 721 17.05 31.08 18.61
C PRO B 721 18.47 31.39 18.15
N ALA B 722 19.24 30.32 17.91
CA ALA B 722 20.62 30.45 17.49
C ALA B 722 20.72 31.23 16.17
N LYS B 723 21.86 31.92 16.00
CA LYS B 723 22.23 32.77 14.88
C LYS B 723 23.17 32.01 13.95
N PRO B 724 23.18 32.36 12.65
CA PRO B 724 24.02 31.63 11.69
C PRO B 724 25.52 31.73 11.97
N ASP B 725 25.90 32.51 12.98
CA ASP B 725 27.29 32.56 13.40
C ASP B 725 27.61 31.58 14.53
N GLU B 726 26.61 30.89 15.07
CA GLU B 726 26.79 29.87 16.08
C GLU B 726 26.17 28.57 15.61
N LYS B 727 26.75 27.45 16.05
CA LYS B 727 26.19 26.15 15.69
C LYS B 727 24.91 25.86 16.45
N GLY B 728 24.73 26.45 17.62
CA GLY B 728 23.55 26.26 18.43
C GLY B 728 23.40 24.85 18.98
N GLU B 729 22.41 24.65 19.85
CA GLU B 729 22.12 23.33 20.40
C GLU B 729 20.62 23.15 20.46
N MET B 730 20.15 21.92 20.31
CA MET B 730 18.73 21.63 20.23
C MET B 730 18.15 21.28 21.59
N GLN B 731 16.92 21.73 21.83
CA GLN B 731 16.16 21.47 23.04
C GLN B 731 14.67 21.50 22.72
N VAL B 732 13.90 20.82 23.57
CA VAL B 732 12.45 20.86 23.43
C VAL B 732 11.94 22.23 23.85
N VAL B 733 11.08 22.81 23.01
CA VAL B 733 10.50 24.13 23.24
C VAL B 733 8.99 24.01 23.12
N PRO B 734 8.22 24.46 24.11
CA PRO B 734 6.76 24.51 23.97
C PRO B 734 6.34 25.74 23.18
N VAL B 735 5.46 25.54 22.20
CA VAL B 735 4.98 26.59 21.31
C VAL B 735 3.47 26.53 21.25
N LEU B 736 2.86 27.64 20.85
CA LEU B 736 1.42 27.70 20.72
C LEU B 736 0.97 27.02 19.42
N VAL B 737 -0.30 26.60 19.42
CA VAL B 737 -0.84 25.88 18.27
C VAL B 737 -0.98 26.80 17.07
N HIS B 738 -1.26 28.08 17.30
CA HIS B 738 -1.49 29.04 16.22
C HIS B 738 -0.19 29.58 15.62
N LEU B 739 0.95 28.96 15.91
CA LEU B 739 2.23 29.41 15.41
C LEU B 739 2.85 28.48 14.37
N LEU B 740 2.22 27.34 14.10
CA LEU B 740 2.71 26.41 13.08
C LEU B 740 2.34 26.97 11.72
N SER B 741 3.31 27.59 11.05
CA SER B 741 3.08 28.23 9.76
C SER B 741 3.27 27.30 8.58
N ALA B 742 3.60 26.03 8.82
CA ALA B 742 3.73 25.05 7.75
C ALA B 742 3.75 23.66 8.36
N ILE B 743 2.94 22.76 7.81
CA ILE B 743 2.92 21.36 8.21
C ILE B 743 3.40 20.53 7.03
N SER B 744 4.41 19.72 7.26
CA SER B 744 5.02 18.92 6.21
C SER B 744 4.48 17.49 6.23
N SER B 745 4.90 16.71 5.24
CA SER B 745 4.48 15.32 5.07
C SER B 745 5.68 14.38 5.10
N VAL B 746 6.60 14.62 6.03
CA VAL B 746 7.80 13.81 6.19
C VAL B 746 7.99 13.56 7.68
N ARG B 747 8.42 12.35 8.03
CA ARG B 747 8.53 11.93 9.43
C ARG B 747 9.93 11.35 9.66
N LEU B 748 10.86 12.24 10.02
CA LEU B 748 12.19 11.80 10.46
C LEU B 748 12.07 10.88 11.66
N TYR B 749 12.89 9.82 11.67
CA TYR B 749 12.87 8.90 12.80
C TYR B 749 13.50 9.54 14.03
N ILE B 750 12.95 9.22 15.19
CA ILE B 750 13.39 9.78 16.47
C ILE B 750 14.03 8.67 17.29
N PRO B 751 15.21 8.89 17.86
CA PRO B 751 15.81 7.87 18.73
C PRO B 751 14.91 7.52 19.90
N LYS B 752 15.21 6.38 20.52
CA LYS B 752 14.29 5.75 21.48
C LYS B 752 13.84 6.72 22.58
N ASP B 753 14.78 7.27 23.35
CA ASP B 753 14.43 8.11 24.49
C ASP B 753 15.07 9.50 24.42
N LEU B 754 15.78 9.83 23.34
CA LEU B 754 16.53 11.07 23.21
C LEU B 754 17.30 11.42 24.49
N ARG B 755 17.23 12.70 24.91
CA ARG B 755 17.81 13.35 26.13
C ARG B 755 19.28 13.77 25.92
N PRO B 756 20.29 12.93 26.26
CA PRO B 756 21.72 13.23 26.02
C PRO B 756 21.91 13.94 24.68
N VAL B 757 22.13 15.26 24.77
CA VAL B 757 22.24 16.20 23.62
C VAL B 757 23.38 15.85 22.66
N ASP B 758 23.42 14.61 22.15
CA ASP B 758 24.46 14.32 21.12
C ASP B 758 23.82 13.51 20.01
N ASN B 759 22.65 12.93 20.37
CA ASN B 759 21.75 12.18 19.46
C ASN B 759 20.99 13.34 18.84
N ARG B 760 20.88 14.40 19.67
CA ARG B 760 20.38 15.68 19.10
C ARG B 760 21.23 16.00 17.87
N GLN B 761 22.55 15.77 17.96
CA GLN B 761 23.44 16.00 16.83
C GLN B 761 23.10 15.08 15.66
N SER B 762 22.72 13.84 15.95
CA SER B 762 22.26 12.93 14.92
C SER B 762 20.97 13.42 14.29
N VAL B 763 20.08 13.99 15.10
CA VAL B 763 18.86 14.60 14.57
C VAL B 763 19.21 15.74 13.62
N LEU B 764 20.18 16.57 14.00
CA LEU B 764 20.66 17.62 13.09
C LEU B 764 21.19 17.03 11.79
N LYS B 765 22.00 15.99 11.88
CA LYS B 765 22.57 15.39 10.68
C LYS B 765 21.47 14.84 9.78
N SER B 766 20.46 14.21 10.36
CA SER B 766 19.37 13.64 9.57
C SER B 766 18.52 14.74 8.92
N ILE B 767 18.14 15.76 9.70
CA ILE B 767 17.32 16.84 9.16
C ILE B 767 18.08 17.63 8.10
N GLN B 768 19.42 17.65 8.17
CA GLN B 768 20.19 18.35 7.15
C GLN B 768 20.41 17.48 5.92
N GLU B 769 20.53 16.16 6.09
CA GLU B 769 20.66 15.28 4.93
C GLU B 769 19.35 15.17 4.17
N VAL B 770 18.21 15.24 4.88
CA VAL B 770 16.92 15.23 4.20
C VAL B 770 16.80 16.46 3.30
N GLN B 771 17.32 17.60 3.74
CA GLN B 771 17.33 18.80 2.90
C GLN B 771 18.17 18.62 1.64
N LYS B 772 19.06 17.64 1.62
CA LYS B 772 19.88 17.35 0.45
C LYS B 772 19.21 16.38 -0.51
N ARG B 773 17.88 16.25 -0.44
CA ARG B 773 17.13 15.39 -1.34
C ARG B 773 15.96 16.08 -2.03
N PHE B 774 15.46 17.19 -1.49
CA PHE B 774 14.39 17.97 -2.12
C PHE B 774 14.87 19.40 -2.31
N PRO B 775 15.76 19.63 -3.28
CA PRO B 775 16.25 21.00 -3.50
C PRO B 775 15.18 21.96 -3.97
N ASP B 776 14.12 21.46 -4.62
CA ASP B 776 13.04 22.33 -5.05
C ASP B 776 12.28 22.90 -3.87
N GLY B 777 12.11 22.10 -2.81
CA GLY B 777 11.33 22.51 -1.65
C GLY B 777 10.47 21.38 -1.14
N ILE B 778 10.53 21.12 0.16
CA ILE B 778 9.79 20.00 0.76
C ILE B 778 8.31 20.14 0.42
N PRO B 779 7.64 19.09 -0.04
CA PRO B 779 6.18 19.16 -0.23
C PRO B 779 5.46 19.14 1.11
N LEU B 780 4.81 20.25 1.47
CA LEU B 780 4.29 20.35 2.82
C LEU B 780 2.98 19.61 2.99
N LEU B 781 1.95 20.01 2.24
CA LEU B 781 0.60 19.44 2.32
C LEU B 781 -0.24 20.09 1.23
N ASP B 782 -1.45 19.59 1.08
CA ASP B 782 -2.47 20.21 0.21
C ASP B 782 -3.77 20.30 0.99
N PRO B 783 -4.26 21.51 1.30
CA PRO B 783 -5.43 21.62 2.17
C PRO B 783 -6.72 21.05 1.59
N ILE B 784 -6.80 20.87 0.27
CA ILE B 784 -8.09 20.55 -0.34
C ILE B 784 -8.40 19.06 -0.23
N ASP B 785 -7.39 18.21 -0.38
CA ASP B 785 -7.59 16.76 -0.38
C ASP B 785 -6.95 16.07 0.82
N ASP B 786 -5.70 16.39 1.13
CA ASP B 786 -4.97 15.67 2.18
C ASP B 786 -5.66 15.81 3.54
N MET B 787 -5.96 17.05 3.93
CA MET B 787 -6.67 17.27 5.20
C MET B 787 -8.06 16.65 5.16
N GLY B 788 -8.83 16.95 4.11
CA GLY B 788 -10.21 16.51 4.03
C GLY B 788 -11.16 17.63 4.40
N ILE B 789 -10.86 18.84 3.92
CA ILE B 789 -11.67 20.01 4.23
C ILE B 789 -12.85 20.05 3.27
N GLN B 790 -14.05 20.04 3.82
CA GLN B 790 -15.30 20.02 3.05
C GLN B 790 -16.23 21.11 3.57
N ASP B 791 -15.68 22.30 3.77
CA ASP B 791 -16.41 23.45 4.29
C ASP B 791 -16.60 24.48 3.17
N GLN B 792 -17.81 25.00 3.08
CA GLN B 792 -18.15 25.95 2.02
C GLN B 792 -17.42 27.27 2.23
N GLY B 793 -16.75 27.75 1.19
CA GLY B 793 -16.04 29.01 1.26
C GLY B 793 -14.57 28.92 0.89
N LEU B 794 -13.91 27.81 1.28
CA LEU B 794 -12.52 27.61 0.90
C LEU B 794 -12.33 27.64 -0.61
N LYS B 795 -13.37 27.27 -1.37
CA LYS B 795 -13.25 27.27 -2.82
C LYS B 795 -13.07 28.69 -3.35
N LYS B 796 -13.78 29.66 -2.77
CA LYS B 796 -13.65 31.04 -3.23
C LYS B 796 -12.24 31.58 -2.98
N VAL B 797 -11.70 31.33 -1.78
CA VAL B 797 -10.37 31.84 -1.48
C VAL B 797 -9.30 31.11 -2.29
N ILE B 798 -9.49 29.82 -2.54
CA ILE B 798 -8.52 29.10 -3.38
C ILE B 798 -8.59 29.63 -4.82
N GLN B 799 -9.78 29.98 -5.30
CA GLN B 799 -9.89 30.58 -6.62
C GLN B 799 -9.19 31.93 -6.66
N LYS B 800 -9.36 32.74 -5.60
CA LYS B 800 -8.73 34.05 -5.58
C LYS B 800 -7.21 33.95 -5.50
N VAL B 801 -6.68 32.99 -4.72
CA VAL B 801 -5.24 32.84 -4.65
C VAL B 801 -4.69 32.37 -5.99
N GLU B 802 -5.32 31.38 -6.62
CA GLU B 802 -4.89 30.96 -7.95
C GLU B 802 -4.95 32.11 -8.95
N ALA B 803 -5.97 32.97 -8.83
CA ALA B 803 -6.11 34.11 -9.74
C ALA B 803 -4.95 35.09 -9.56
N PHE B 804 -4.68 35.48 -8.31
CA PHE B 804 -3.59 36.41 -8.07
C PHE B 804 -2.23 35.81 -8.42
N GLU B 805 -2.08 34.49 -8.23
CA GLU B 805 -0.86 33.81 -8.65
C GLU B 805 -0.66 33.92 -10.15
N HIS B 806 -1.70 33.60 -10.92
CA HIS B 806 -1.63 33.74 -12.37
C HIS B 806 -1.30 35.19 -12.76
N ARG B 807 -2.06 36.15 -12.24
CA ARG B 807 -1.82 37.55 -12.54
C ARG B 807 -0.39 37.98 -12.22
N MET B 808 0.19 37.43 -11.16
CA MET B 808 1.56 37.79 -10.80
C MET B 808 2.56 37.17 -11.76
N TYR B 809 2.50 35.85 -11.94
CA TYR B 809 3.38 35.16 -12.88
C TYR B 809 3.37 35.78 -14.27
N SER B 810 2.28 36.46 -14.63
CA SER B 810 2.20 37.08 -15.95
C SER B 810 2.88 38.44 -15.97
N HIS B 811 2.58 39.29 -14.99
CA HIS B 811 3.17 40.62 -14.93
C HIS B 811 3.37 41.07 -13.48
N GLU C 25 -17.80 16.24 -23.28
CA GLU C 25 -16.48 15.76 -22.89
C GLU C 25 -16.53 15.03 -21.55
N GLN C 26 -17.06 13.80 -21.58
CA GLN C 26 -17.16 13.02 -20.35
C GLN C 26 -15.78 12.59 -19.85
N LEU C 27 -14.83 12.38 -20.76
CA LEU C 27 -13.49 11.96 -20.34
C LEU C 27 -12.74 13.10 -19.68
N ARG C 28 -12.86 14.32 -20.24
CA ARG C 28 -12.25 15.48 -19.60
C ARG C 28 -12.76 15.66 -18.17
N ALA C 29 -14.06 15.41 -17.97
CA ALA C 29 -14.59 15.40 -16.61
C ALA C 29 -14.07 14.20 -15.83
N GLU C 30 -13.97 13.04 -16.48
CA GLU C 30 -13.49 11.84 -15.81
C GLU C 30 -12.01 11.95 -15.47
N ASN C 31 -11.21 12.60 -16.31
CA ASN C 31 -9.77 12.71 -16.10
C ASN C 31 -9.41 13.69 -14.98
N GLN C 32 -10.40 14.21 -14.27
CA GLN C 32 -10.20 15.09 -13.13
C GLN C 32 -10.62 14.47 -11.81
N GLU C 33 -11.70 13.68 -11.81
CA GLU C 33 -12.15 12.99 -10.61
C GLU C 33 -11.39 11.69 -10.35
N LEU C 34 -10.57 11.24 -11.29
CA LEU C 34 -9.74 10.06 -11.07
C LEU C 34 -8.49 10.41 -10.27
N LYS C 35 -7.68 11.34 -10.80
CA LYS C 35 -6.49 11.79 -10.11
C LYS C 35 -6.78 12.31 -8.70
N ARG C 36 -8.04 12.63 -8.40
CA ARG C 36 -8.42 12.99 -7.05
C ARG C 36 -8.35 11.76 -6.13
N LYS C 37 -9.09 10.71 -6.47
CA LYS C 37 -9.01 9.46 -5.72
C LYS C 37 -7.58 8.91 -5.66
N LEU C 38 -6.76 9.26 -6.64
CA LEU C 38 -5.36 8.82 -6.70
C LEU C 38 -4.46 9.62 -5.77
N ASN C 39 -5.04 10.42 -4.87
CA ASN C 39 -4.24 11.23 -3.96
C ASN C 39 -3.35 10.37 -3.06
N ILE C 40 -3.87 9.21 -2.62
CA ILE C 40 -3.11 8.35 -1.70
C ILE C 40 -1.69 8.14 -2.19
N LEU C 41 -1.52 7.75 -3.45
CA LEU C 41 -0.19 7.71 -4.05
C LEU C 41 0.33 9.13 -4.20
N THR C 42 1.61 9.35 -3.86
CA THR C 42 2.10 10.70 -3.70
C THR C 42 3.13 11.11 -4.75
N ARG C 43 4.22 10.36 -4.91
CA ARG C 43 5.34 10.78 -5.75
C ARG C 43 5.65 12.24 -5.47
N PRO C 44 6.18 12.57 -4.29
CA PRO C 44 6.02 13.94 -3.75
C PRO C 44 6.54 15.06 -4.64
N SER C 45 7.80 15.01 -5.05
CA SER C 45 8.35 16.03 -5.93
C SER C 45 9.62 15.47 -6.58
N GLY C 46 10.35 16.34 -7.27
CA GLY C 46 11.64 15.98 -7.81
C GLY C 46 12.62 15.55 -6.72
N ILE C 47 12.96 14.28 -6.68
CA ILE C 47 13.94 13.75 -5.75
C ILE C 47 15.23 13.51 -6.53
N LEU C 48 16.33 13.34 -5.79
CA LEU C 48 17.63 13.06 -6.38
C LEU C 48 18.07 11.70 -5.87
N VAL C 49 17.77 10.66 -6.64
CA VAL C 49 18.12 9.28 -6.31
C VAL C 49 19.37 8.93 -7.11
N ASN C 50 20.53 9.13 -6.48
CA ASN C 50 21.81 8.83 -7.12
C ASN C 50 22.15 7.35 -7.11
N ASP C 51 21.21 6.50 -6.70
CA ASP C 51 21.40 5.06 -6.71
C ASP C 51 20.06 4.38 -6.90
N THR C 52 20.10 3.11 -7.29
CA THR C 52 18.89 2.34 -7.50
C THR C 52 18.85 1.03 -6.72
N LYS C 53 19.91 0.68 -6.00
CA LYS C 53 19.91 -0.49 -5.14
C LYS C 53 19.85 -0.15 -3.66
N LEU C 54 19.96 1.12 -3.30
CA LEU C 54 19.80 1.55 -1.91
C LEU C 54 18.87 2.74 -1.74
N ASP C 55 18.62 3.53 -2.77
CA ASP C 55 17.71 4.66 -2.70
C ASP C 55 16.29 4.18 -3.00
N GLY C 56 15.37 5.13 -3.15
CA GLY C 56 14.00 4.82 -3.47
C GLY C 56 13.26 4.18 -2.31
N PRO C 57 11.94 4.10 -2.41
CA PRO C 57 11.14 3.50 -1.33
C PRO C 57 11.41 2.01 -1.20
N ILE C 58 10.88 1.44 -0.12
CA ILE C 58 10.93 0.01 0.13
C ILE C 58 9.57 -0.63 -0.08
N LEU C 59 8.53 -0.07 0.54
CA LEU C 59 7.17 -0.60 0.44
C LEU C 59 6.23 0.40 1.08
N GLN C 60 4.99 0.43 0.58
CA GLN C 60 3.97 1.35 1.04
C GLN C 60 2.85 0.56 1.71
N ILE C 61 2.57 0.88 2.97
CA ILE C 61 1.54 0.20 3.74
C ILE C 61 0.31 1.09 3.79
N LEU C 62 -0.86 0.49 3.56
CA LEU C 62 -2.14 1.17 3.67
C LEU C 62 -2.87 0.58 4.88
N PHE C 63 -2.63 1.17 6.05
CA PHE C 63 -3.32 0.75 7.26
C PHE C 63 -4.82 0.90 7.08
N MET C 64 -5.55 -0.18 7.35
CA MET C 64 -6.99 -0.19 7.15
C MET C 64 -7.71 0.23 8.42
N ASN C 65 -8.95 0.69 8.24
CA ASN C 65 -9.80 1.01 9.38
C ASN C 65 -10.41 -0.26 9.96
N ASN C 66 -11.11 -0.09 11.08
CA ASN C 66 -11.76 -1.19 11.80
C ASN C 66 -10.85 -2.42 11.87
N ALA C 67 -9.63 -2.21 12.34
CA ALA C 67 -8.65 -3.27 12.47
C ALA C 67 -7.97 -3.13 13.82
N ILE C 68 -8.30 -4.03 14.76
CA ILE C 68 -7.67 -4.04 16.07
C ILE C 68 -6.19 -4.32 15.98
N SER C 69 -5.69 -4.75 14.83
CA SER C 69 -4.26 -4.94 14.61
C SER C 69 -3.56 -3.65 14.22
N LYS C 70 -4.20 -2.50 14.42
CA LYS C 70 -3.57 -1.20 14.20
C LYS C 70 -2.84 -0.69 15.44
N GLN C 71 -3.03 -1.33 16.59
CA GLN C 71 -2.27 -0.99 17.78
C GLN C 71 -0.79 -1.30 17.64
N TYR C 72 -0.42 -2.09 16.62
CA TYR C 72 0.97 -2.42 16.34
C TYR C 72 1.60 -1.46 15.36
N HIS C 73 1.08 -0.23 15.25
CA HIS C 73 1.63 0.77 14.35
C HIS C 73 3.07 1.14 14.65
N GLN C 74 3.62 0.69 15.78
CA GLN C 74 5.01 0.96 16.14
C GLN C 74 5.93 -0.23 15.90
N GLU C 75 5.46 -1.44 16.18
CA GLU C 75 6.29 -2.62 15.91
C GLU C 75 6.54 -2.81 14.43
N ILE C 76 5.55 -2.49 13.58
CA ILE C 76 5.76 -2.57 12.14
C ILE C 76 6.85 -1.59 11.69
N GLU C 77 6.81 -0.37 12.22
CA GLU C 77 7.84 0.61 11.88
C GLU C 77 9.21 0.17 12.38
N GLU C 78 9.27 -0.39 13.60
CA GLU C 78 10.53 -0.89 14.12
C GLU C 78 11.08 -2.02 13.26
N PHE C 79 10.18 -2.88 12.76
CA PHE C 79 10.61 -3.97 11.88
C PHE C 79 11.17 -3.41 10.56
N VAL C 80 10.45 -2.48 9.94
CA VAL C 80 10.90 -1.91 8.67
C VAL C 80 12.14 -1.04 8.87
N SER C 81 12.42 -0.62 10.10
CA SER C 81 13.63 0.14 10.38
C SER C 81 14.82 -0.77 10.66
N ASN C 82 14.60 -1.89 11.34
CA ASN C 82 15.67 -2.87 11.53
C ASN C 82 15.98 -3.63 10.24
N LEU C 83 15.04 -3.65 9.29
CA LEU C 83 15.26 -4.39 8.05
C LEU C 83 16.42 -3.80 7.25
N VAL C 84 16.51 -2.48 7.18
CA VAL C 84 17.58 -1.86 6.39
C VAL C 84 18.92 -2.06 7.08
N LYS C 85 18.95 -2.00 8.41
CA LYS C 85 20.22 -2.23 9.11
C LYS C 85 20.64 -3.69 9.03
N ARG C 86 19.68 -4.61 8.91
CA ARG C 86 20.03 -6.02 8.72
C ARG C 86 20.53 -6.27 7.30
N PHE C 87 19.93 -5.61 6.32
CA PHE C 87 20.45 -5.68 4.96
C PHE C 87 21.84 -5.07 4.87
N GLU C 88 22.12 -4.05 5.69
CA GLU C 88 23.44 -3.43 5.68
C GLU C 88 24.48 -4.35 6.32
N GLU C 89 24.16 -4.90 7.50
CA GLU C 89 25.08 -5.83 8.14
C GLU C 89 25.23 -7.14 7.37
N GLN C 90 24.28 -7.47 6.50
CA GLN C 90 24.35 -8.63 5.63
C GLN C 90 24.57 -8.21 4.18
N GLN C 91 25.34 -7.13 4.00
CA GLN C 91 25.51 -6.50 2.70
C GLN C 91 25.72 -7.53 1.59
N LYS C 92 26.78 -8.32 1.69
CA LYS C 92 27.00 -9.46 0.80
C LYS C 92 28.25 -10.22 1.26
N ASN C 93 28.35 -11.45 0.79
CA ASN C 93 29.61 -12.19 0.74
C ASN C 93 30.08 -12.05 -0.69
N ASP C 94 30.90 -11.02 -0.95
CA ASP C 94 31.04 -10.42 -2.27
C ASP C 94 31.25 -11.46 -3.36
N VAL C 95 30.30 -11.52 -4.29
CA VAL C 95 30.34 -12.38 -5.47
C VAL C 95 29.84 -11.56 -6.65
N GLU C 96 30.41 -11.81 -7.82
CA GLU C 96 30.02 -11.06 -9.01
C GLU C 96 28.78 -11.70 -9.61
N LYS C 97 27.65 -10.98 -9.54
CA LYS C 97 26.38 -11.46 -10.06
C LYS C 97 25.51 -10.24 -10.38
N THR C 98 24.86 -10.28 -11.54
CA THR C 98 24.00 -9.16 -11.93
C THR C 98 22.78 -9.07 -11.04
N SER C 99 22.16 -10.22 -10.72
CA SER C 99 20.98 -10.29 -9.87
C SER C 99 19.89 -9.30 -10.32
N PHE C 100 19.73 -9.16 -11.63
CA PHE C 100 18.76 -8.22 -12.17
C PHE C 100 17.36 -8.83 -12.15
N ASN C 101 16.37 -7.96 -12.31
CA ASN C 101 14.96 -8.35 -12.30
C ASN C 101 14.16 -7.34 -13.10
N LEU C 102 13.09 -7.82 -13.71
CA LEU C 102 12.16 -6.99 -14.48
C LEU C 102 10.85 -6.86 -13.71
N LEU C 103 9.88 -6.19 -14.32
CA LEU C 103 8.61 -5.98 -13.65
C LEU C 103 7.49 -6.70 -14.39
N PRO C 104 6.72 -7.54 -13.70
CA PRO C 104 5.52 -8.13 -14.35
C PRO C 104 4.49 -7.08 -14.72
N GLN C 105 4.18 -6.17 -13.81
CA GLN C 105 3.14 -5.16 -14.00
C GLN C 105 3.76 -3.77 -13.94
N PRO C 106 3.80 -3.04 -15.05
CA PRO C 106 4.53 -1.77 -15.10
C PRO C 106 3.78 -0.58 -14.55
N SER C 107 2.68 -0.79 -13.81
CA SER C 107 1.86 0.33 -13.35
C SER C 107 2.56 1.08 -12.23
N SER C 108 3.27 2.15 -12.59
CA SER C 108 3.98 2.97 -11.63
C SER C 108 3.04 3.98 -10.99
N ILE C 109 3.34 4.34 -9.74
CA ILE C 109 2.50 5.27 -9.01
C ILE C 109 2.51 6.63 -9.70
N VAL C 110 1.34 7.30 -9.68
CA VAL C 110 1.21 8.56 -10.42
C VAL C 110 2.10 9.62 -9.78
N LEU C 111 2.34 10.69 -10.55
CA LEU C 111 3.25 11.76 -10.17
C LEU C 111 2.58 13.09 -10.47
N GLU C 112 2.08 13.76 -9.43
CA GLU C 112 1.43 15.06 -9.56
C GLU C 112 2.40 16.21 -9.41
N GLU C 113 3.70 15.96 -9.53
CA GLU C 113 4.72 17.01 -9.42
C GLU C 113 4.82 17.80 -10.73
N ASP C 114 3.70 18.42 -11.09
CA ASP C 114 3.59 19.22 -12.31
C ASP C 114 3.91 18.41 -13.56
N LYS C 124 18.00 11.56 -11.87
CA LYS C 124 16.57 11.31 -11.69
C LYS C 124 16.17 9.96 -12.27
N ASN C 125 15.12 9.37 -11.70
CA ASN C 125 14.63 8.08 -12.17
C ASN C 125 13.15 7.95 -11.80
N ASN C 126 12.36 7.42 -12.73
CA ASN C 126 10.93 7.25 -12.49
C ASN C 126 10.41 5.89 -12.98
N LYS C 127 11.28 5.00 -13.42
CA LYS C 127 10.88 3.68 -13.89
C LYS C 127 11.41 2.55 -13.02
N GLU C 128 12.71 2.54 -12.73
CA GLU C 128 13.30 1.55 -11.85
C GLU C 128 13.02 1.83 -10.38
N ALA C 129 12.26 2.87 -10.07
CA ALA C 129 11.90 3.20 -8.70
C ALA C 129 10.52 3.84 -8.71
N PHE C 130 9.84 3.77 -7.56
CA PHE C 130 8.46 4.22 -7.41
C PHE C 130 7.54 3.48 -8.37
N SER C 131 7.68 2.15 -8.39
CA SER C 131 6.91 1.29 -9.27
C SER C 131 6.45 0.08 -8.49
N VAL C 132 5.13 -0.07 -8.35
CA VAL C 132 4.58 -1.21 -7.62
C VAL C 132 4.92 -2.49 -8.36
N VAL C 133 5.60 -3.41 -7.67
CA VAL C 133 5.97 -4.69 -8.25
C VAL C 133 5.00 -5.75 -7.76
N GLY C 134 4.52 -5.58 -6.54
CA GLY C 134 3.52 -6.47 -5.97
C GLY C 134 2.64 -5.77 -4.96
N SER C 135 1.33 -6.03 -5.03
CA SER C 135 0.36 -5.41 -4.13
C SER C 135 -0.59 -6.48 -3.63
N VAL C 136 -0.70 -6.60 -2.31
CA VAL C 136 -1.57 -7.60 -1.69
C VAL C 136 -2.53 -6.90 -0.73
N LEU C 137 -3.67 -7.54 -0.49
CA LEU C 137 -4.66 -7.07 0.46
C LEU C 137 -4.83 -8.18 1.49
N TYR C 138 -4.07 -8.09 2.58
CA TYR C 138 -4.04 -9.15 3.57
C TYR C 138 -5.38 -9.28 4.28
N PHE C 139 -5.72 -10.51 4.65
CA PHE C 139 -6.94 -10.82 5.39
C PHE C 139 -6.58 -11.62 6.62
N THR C 140 -7.58 -12.12 7.35
CA THR C 140 -7.29 -12.89 8.55
C THR C 140 -6.63 -14.22 8.20
N ASN C 141 -7.08 -14.88 7.13
CA ASN C 141 -6.38 -16.03 6.59
C ASN C 141 -6.21 -15.99 5.07
N PHE C 142 -6.93 -15.13 4.36
CA PHE C 142 -6.86 -15.09 2.90
C PHE C 142 -5.73 -14.17 2.45
N CYS C 143 -5.59 -14.01 1.13
CA CYS C 143 -4.81 -12.94 0.54
C CYS C 143 -5.50 -12.51 -0.75
N LEU C 144 -5.05 -11.38 -1.30
CA LEU C 144 -5.61 -10.85 -2.55
C LEU C 144 -4.51 -10.41 -3.49
N ASP C 145 -3.46 -11.21 -3.61
CA ASP C 145 -2.35 -10.86 -4.50
C ASP C 145 -2.85 -10.80 -5.94
N LYS C 146 -2.38 -9.80 -6.67
CA LYS C 146 -2.83 -9.60 -8.04
C LYS C 146 -1.70 -9.24 -9.01
N LEU C 147 -0.45 -9.23 -8.55
CA LEU C 147 0.66 -8.86 -9.42
C LEU C 147 1.82 -9.84 -9.41
N GLY C 148 1.97 -10.66 -8.38
CA GLY C 148 2.98 -11.70 -8.37
C GLY C 148 4.41 -11.20 -8.24
N GLN C 149 5.30 -12.07 -7.78
CA GLN C 149 6.72 -11.73 -7.69
C GLN C 149 7.38 -11.85 -9.06
N PRO C 150 8.32 -10.97 -9.38
CA PRO C 150 9.03 -11.09 -10.67
C PRO C 150 10.00 -12.26 -10.66
N LEU C 151 10.11 -12.91 -11.80
CA LEU C 151 10.95 -14.10 -11.94
C LEU C 151 12.20 -13.78 -12.74
N LEU C 152 13.23 -14.60 -12.54
CA LEU C 152 14.46 -14.54 -13.30
C LEU C 152 14.50 -15.74 -14.24
N ASN C 153 14.62 -15.46 -15.55
CA ASN C 153 14.57 -16.49 -16.59
C ASN C 153 13.47 -17.50 -16.36
N GLU C 154 12.28 -17.04 -15.95
CA GLU C 154 11.07 -17.85 -15.81
C GLU C 154 11.31 -19.12 -15.00
N ASN C 155 12.28 -19.09 -14.11
CA ASN C 155 12.66 -20.27 -13.32
C ASN C 155 12.57 -19.97 -11.83
N PRO C 156 11.54 -20.47 -11.13
CA PRO C 156 11.42 -20.21 -9.68
C PRO C 156 12.50 -20.86 -8.84
N GLN C 157 13.46 -21.56 -9.43
CA GLN C 157 14.42 -22.35 -8.67
C GLN C 157 15.67 -21.59 -8.28
N LEU C 158 15.84 -20.35 -8.74
CA LEU C 158 16.99 -19.54 -8.36
C LEU C 158 16.61 -18.13 -7.96
N SER C 159 15.31 -17.80 -7.92
CA SER C 159 14.88 -16.46 -7.58
C SER C 159 15.16 -16.16 -6.10
N GLU C 160 15.09 -14.87 -5.76
CA GLU C 160 15.41 -14.41 -4.42
C GLU C 160 14.24 -14.47 -3.45
N GLY C 161 13.01 -14.42 -3.96
CA GLY C 161 11.85 -14.35 -3.10
C GLY C 161 11.08 -15.64 -2.97
N TRP C 162 10.98 -16.40 -4.05
CA TRP C 162 10.20 -17.64 -4.05
C TRP C 162 10.83 -18.68 -3.14
N GLU C 163 9.98 -19.55 -2.58
CA GLU C 163 10.43 -20.64 -1.73
C GLU C 163 9.43 -21.79 -1.87
N ILE C 164 9.91 -22.93 -2.35
CA ILE C 164 9.04 -24.07 -2.64
C ILE C 164 8.92 -24.98 -1.42
N PRO C 165 7.72 -25.44 -1.08
CA PRO C 165 7.57 -26.41 0.00
C PRO C 165 8.13 -27.78 -0.36
N LYS C 166 8.06 -28.73 0.56
CA LYS C 166 8.53 -30.08 0.35
C LYS C 166 7.36 -31.05 0.24
N TYR C 167 7.52 -32.06 -0.61
CA TYR C 167 6.46 -33.04 -0.84
C TYR C 167 7.06 -34.29 -1.45
N HIS C 168 6.29 -35.39 -1.42
CA HIS C 168 6.77 -36.68 -1.88
C HIS C 168 6.80 -36.76 -3.41
N GLN C 169 5.67 -36.49 -4.06
CA GLN C 169 5.57 -36.44 -5.51
C GLN C 169 5.98 -37.77 -6.16
N VAL C 170 5.23 -38.83 -5.83
CA VAL C 170 5.26 -40.02 -6.67
C VAL C 170 3.93 -40.08 -7.40
N PHE C 171 3.80 -39.44 -8.52
CA PHE C 171 2.50 -39.62 -9.21
C PHE C 171 2.89 -39.69 -10.65
N SER C 172 3.59 -40.77 -11.00
CA SER C 172 4.23 -41.03 -12.32
C SER C 172 3.31 -40.82 -13.53
N HIS C 173 3.75 -39.95 -14.44
CA HIS C 173 3.13 -39.60 -15.76
C HIS C 173 1.86 -38.75 -15.64
N ILE C 174 1.87 -37.56 -16.25
CA ILE C 174 0.67 -36.73 -16.23
C ILE C 174 -0.46 -37.30 -17.11
N VAL C 175 -1.67 -36.84 -16.83
CA VAL C 175 -2.84 -37.11 -17.65
C VAL C 175 -3.04 -35.90 -18.57
N SER C 176 -2.61 -36.05 -19.82
CA SER C 176 -2.73 -34.98 -20.80
C SER C 176 -4.12 -35.03 -21.44
N LEU C 177 -4.36 -34.18 -22.43
CA LEU C 177 -5.68 -34.05 -23.03
C LEU C 177 -5.74 -34.83 -24.34
N GLU C 178 -6.78 -35.66 -24.47
CA GLU C 178 -7.03 -36.53 -25.63
C GLU C 178 -5.72 -37.26 -25.96
N GLY C 179 -5.32 -37.33 -27.23
CA GLY C 179 -4.09 -37.98 -27.62
C GLY C 179 -2.87 -37.08 -27.57
N GLN C 180 -2.43 -36.72 -26.36
CA GLN C 180 -1.25 -35.87 -26.22
C GLN C 180 -0.35 -36.36 -25.08
N GLU C 181 -0.34 -37.66 -24.84
CA GLU C 181 0.54 -38.25 -23.83
C GLU C 181 1.97 -37.78 -24.01
N ILE C 182 2.51 -37.11 -22.98
CA ILE C 182 3.85 -36.57 -22.99
C ILE C 182 4.71 -37.35 -22.01
N GLN C 183 5.83 -37.89 -22.50
CA GLN C 183 6.76 -38.65 -21.65
C GLN C 183 7.62 -37.65 -20.87
N VAL C 184 7.04 -37.18 -19.75
CA VAL C 184 7.76 -36.24 -18.88
C VAL C 184 9.10 -36.84 -18.45
N LYS C 185 9.09 -38.10 -18.06
CA LYS C 185 10.32 -38.76 -17.62
C LYS C 185 10.67 -39.92 -18.55
N VAL D 628 -33.14 -21.80 -34.04
CA VAL D 628 -33.42 -21.48 -32.64
C VAL D 628 -32.63 -20.26 -32.21
N ILE D 629 -33.33 -19.29 -31.62
CA ILE D 629 -32.68 -18.07 -31.15
C ILE D 629 -31.61 -18.40 -30.11
N TYR D 630 -31.94 -19.28 -29.17
CA TYR D 630 -30.99 -19.60 -28.10
C TYR D 630 -29.84 -20.45 -28.61
N TYR D 631 -30.06 -21.24 -29.67
CA TYR D 631 -28.98 -22.04 -30.23
C TYR D 631 -27.85 -21.16 -30.77
N LYS D 632 -28.20 -20.20 -31.63
CA LYS D 632 -27.24 -19.19 -32.06
C LYS D 632 -26.61 -18.49 -30.87
N ILE D 633 -27.44 -18.01 -29.94
CA ILE D 633 -26.96 -17.37 -28.72
C ILE D 633 -25.93 -18.23 -28.01
N ARG D 634 -26.31 -19.47 -27.69
CA ARG D 634 -25.40 -20.39 -27.02
C ARG D 634 -24.08 -20.56 -27.78
N GLN D 635 -24.17 -20.87 -29.09
CA GLN D 635 -23.00 -21.06 -29.92
C GLN D 635 -22.06 -19.86 -29.85
N GLN D 636 -22.59 -18.67 -30.08
CA GLN D 636 -21.76 -17.46 -30.07
C GLN D 636 -21.16 -17.22 -28.69
N LEU D 637 -21.98 -17.33 -27.65
CA LEU D 637 -21.51 -17.20 -26.28
C LEU D 637 -20.32 -18.11 -26.01
N ALA D 638 -20.43 -19.37 -26.39
CA ALA D 638 -19.38 -20.33 -26.06
C ALA D 638 -18.17 -20.21 -26.97
N LYS D 639 -18.35 -19.70 -28.19
CA LYS D 639 -17.20 -19.40 -29.02
C LYS D 639 -16.40 -18.23 -28.45
N LEU D 640 -17.10 -17.18 -28.02
CA LEU D 640 -16.42 -16.06 -27.35
C LEU D 640 -15.81 -16.50 -26.03
N GLY D 641 -16.44 -17.47 -25.36
CA GLY D 641 -15.88 -18.12 -24.20
C GLY D 641 -14.54 -18.74 -24.53
N LYS D 642 -14.54 -19.71 -25.44
CA LYS D 642 -13.31 -20.40 -25.82
C LYS D 642 -12.25 -19.43 -26.31
N GLU D 643 -12.66 -18.28 -26.84
CA GLU D 643 -11.69 -17.32 -27.36
C GLU D 643 -10.88 -16.66 -26.25
N ILE D 644 -11.53 -16.28 -25.15
CA ILE D 644 -10.85 -15.49 -24.12
C ILE D 644 -9.64 -16.23 -23.55
N GLU D 645 -9.71 -17.56 -23.40
CA GLU D 645 -8.57 -18.27 -22.88
C GLU D 645 -7.50 -18.42 -23.95
N GLU D 646 -6.44 -19.16 -23.61
CA GLU D 646 -5.15 -19.23 -24.30
C GLU D 646 -4.40 -17.90 -24.21
N TYR D 647 -4.95 -16.91 -23.52
CA TYR D 647 -4.22 -15.71 -23.12
C TYR D 647 -4.01 -15.63 -21.61
N ILE D 648 -4.81 -16.36 -20.82
CA ILE D 648 -4.66 -16.37 -19.37
C ILE D 648 -3.65 -17.41 -18.91
N HIS D 649 -3.24 -18.32 -19.78
CA HIS D 649 -2.24 -19.34 -19.45
C HIS D 649 -1.27 -19.43 -20.63
N LYS D 650 -0.09 -18.86 -20.46
CA LYS D 650 0.90 -18.74 -21.51
C LYS D 650 2.29 -18.79 -20.87
N PRO D 651 3.35 -19.01 -21.66
CA PRO D 651 4.69 -18.86 -21.11
C PRO D 651 5.00 -17.45 -20.63
N LYS D 652 4.15 -16.48 -20.95
CA LYS D 652 4.30 -15.10 -20.48
C LYS D 652 2.93 -14.55 -20.09
N TYR D 653 2.94 -13.60 -19.15
CA TYR D 653 1.79 -13.03 -18.46
C TYR D 653 1.10 -14.03 -17.53
N CYS D 654 1.59 -15.26 -17.42
CA CYS D 654 1.01 -16.26 -16.54
C CYS D 654 1.96 -16.71 -15.44
N LEU D 655 3.21 -17.02 -15.79
CA LEU D 655 4.13 -17.58 -14.81
C LEU D 655 4.41 -16.67 -13.61
N PRO D 656 4.40 -15.34 -13.71
CA PRO D 656 4.45 -14.51 -12.50
C PRO D 656 3.24 -14.67 -11.61
N PHE D 657 2.12 -15.16 -12.13
CA PHE D 657 0.88 -15.28 -11.36
C PHE D 657 0.75 -16.63 -10.67
N LEU D 658 1.47 -17.65 -11.13
CA LEU D 658 1.34 -19.00 -10.59
C LEU D 658 2.11 -19.13 -9.27
N GLN D 659 1.65 -18.37 -8.28
CA GLN D 659 2.29 -18.34 -6.99
C GLN D 659 2.13 -19.66 -6.25
N PRO D 660 2.97 -19.93 -5.26
CA PRO D 660 2.77 -21.12 -4.39
C PRO D 660 1.67 -20.87 -3.36
N GLY D 661 0.42 -21.05 -3.80
CA GLY D 661 -0.73 -20.75 -2.97
C GLY D 661 -1.86 -20.12 -3.75
N ARG D 662 -1.59 -19.75 -4.99
CA ARG D 662 -2.62 -19.18 -5.86
C ARG D 662 -3.72 -20.20 -6.10
N LEU D 663 -4.94 -19.70 -6.28
CA LEU D 663 -6.11 -20.53 -6.55
C LEU D 663 -6.44 -20.44 -8.04
N VAL D 664 -6.52 -21.60 -8.69
CA VAL D 664 -6.81 -21.70 -10.12
C VAL D 664 -7.83 -22.81 -10.32
N LYS D 665 -8.26 -22.99 -11.57
CA LYS D 665 -9.17 -24.04 -11.95
C LYS D 665 -8.46 -25.03 -12.87
N VAL D 666 -9.09 -26.18 -13.07
CA VAL D 666 -8.56 -27.23 -13.95
C VAL D 666 -9.73 -27.87 -14.68
N LYS D 667 -9.65 -27.90 -16.01
CA LYS D 667 -10.75 -28.39 -16.85
C LYS D 667 -10.17 -29.29 -17.94
N ASN D 668 -10.27 -30.59 -17.74
CA ASN D 668 -9.92 -31.55 -18.78
C ASN D 668 -11.17 -31.91 -19.57
N GLU D 669 -11.00 -32.69 -20.63
CA GLU D 669 -12.13 -33.16 -21.42
C GLU D 669 -13.05 -34.01 -20.55
N GLY D 670 -14.29 -33.55 -20.38
CA GLY D 670 -15.28 -34.29 -19.63
C GLY D 670 -14.94 -34.52 -18.16
N ASP D 671 -13.98 -33.76 -17.64
CA ASP D 671 -13.49 -33.95 -16.27
C ASP D 671 -13.53 -32.63 -15.53
N ASP D 672 -14.13 -32.65 -14.34
CA ASP D 672 -14.25 -31.47 -13.47
C ASP D 672 -13.69 -31.82 -12.10
N PHE D 673 -12.43 -31.47 -11.86
CA PHE D 673 -11.82 -31.76 -10.57
C PHE D 673 -12.32 -30.83 -9.48
N GLY D 674 -12.57 -29.56 -9.81
CA GLY D 674 -13.03 -28.60 -8.83
C GLY D 674 -12.12 -27.39 -8.71
N TRP D 675 -11.56 -27.19 -7.51
CA TRP D 675 -10.62 -26.12 -7.23
C TRP D 675 -9.28 -26.72 -6.83
N GLY D 676 -8.22 -25.92 -6.97
CA GLY D 676 -6.90 -26.42 -6.67
C GLY D 676 -5.92 -25.29 -6.42
N VAL D 677 -4.85 -25.63 -5.70
CA VAL D 677 -3.84 -24.66 -5.27
C VAL D 677 -2.53 -24.99 -5.99
N VAL D 678 -2.00 -24.01 -6.71
CA VAL D 678 -0.75 -24.19 -7.43
C VAL D 678 0.40 -24.38 -6.44
N VAL D 679 1.29 -25.33 -6.74
CA VAL D 679 2.45 -25.58 -5.89
C VAL D 679 3.64 -25.97 -6.76
N ASN D 680 4.70 -25.17 -6.69
CA ASN D 680 6.01 -25.50 -7.27
C ASN D 680 5.92 -25.88 -8.75
N PHE D 681 5.45 -24.94 -9.55
CA PHE D 681 5.50 -25.12 -11.00
C PHE D 681 6.95 -25.20 -11.45
N SER D 682 7.23 -26.15 -12.35
CA SER D 682 8.60 -26.50 -12.72
C SER D 682 8.85 -26.23 -14.20
N LYS D 683 10.10 -25.89 -14.50
CA LYS D 683 10.52 -25.67 -15.88
C LYS D 683 10.24 -26.90 -16.73
N LYS D 684 9.92 -26.66 -18.00
CA LYS D 684 9.60 -27.74 -18.93
C LYS D 684 10.71 -28.77 -19.01
N SER D 685 10.35 -30.04 -18.87
CA SER D 685 11.25 -31.15 -19.19
C SER D 685 10.99 -31.59 -20.64
N ASN D 686 11.47 -30.78 -21.56
CA ASN D 686 11.19 -30.97 -22.99
C ASN D 686 11.64 -32.36 -23.44
N VAL D 687 10.67 -33.18 -23.85
CA VAL D 687 10.95 -34.48 -24.46
C VAL D 687 10.20 -34.69 -25.76
N LYS D 688 9.42 -33.71 -26.21
CA LYS D 688 8.57 -33.88 -27.37
C LYS D 688 9.38 -33.86 -28.67
N PRO D 689 9.31 -34.90 -29.50
CA PRO D 689 10.00 -34.91 -30.80
C PRO D 689 9.26 -34.15 -31.88
N ASN D 690 8.98 -32.86 -31.61
CA ASN D 690 8.15 -32.07 -32.51
C ASN D 690 8.83 -31.77 -33.84
N SER D 691 10.15 -31.92 -33.91
CA SER D 691 10.90 -31.76 -35.16
C SER D 691 10.67 -30.38 -35.79
N GLY D 692 11.08 -29.35 -35.04
CA GLY D 692 10.93 -27.99 -35.51
C GLY D 692 10.46 -27.02 -34.45
N GLU D 693 9.69 -27.49 -33.47
CA GLU D 693 9.27 -26.65 -32.37
C GLU D 693 10.29 -26.75 -31.24
N LEU D 694 9.97 -26.18 -30.08
CA LEU D 694 10.84 -26.27 -28.91
C LEU D 694 10.17 -26.95 -27.73
N ASP D 695 9.16 -27.80 -28.00
CA ASP D 695 8.37 -28.51 -27.00
C ASP D 695 8.03 -27.63 -25.80
N PRO D 696 7.47 -26.43 -25.99
CA PRO D 696 7.31 -25.50 -24.87
C PRO D 696 6.00 -25.71 -24.10
N LEU D 697 5.83 -26.92 -23.58
CA LEU D 697 4.74 -27.21 -22.65
C LEU D 697 5.32 -27.20 -21.24
N TYR D 698 4.63 -26.55 -20.32
CA TYR D 698 5.07 -26.45 -18.93
C TYR D 698 4.23 -27.37 -18.05
N VAL D 699 4.88 -27.98 -17.07
CA VAL D 699 4.21 -28.83 -16.07
C VAL D 699 4.02 -28.00 -14.81
N VAL D 700 2.77 -27.58 -14.57
CA VAL D 700 2.41 -26.86 -13.35
C VAL D 700 1.72 -27.83 -12.41
N GLU D 701 2.18 -27.89 -11.17
CA GLU D 701 1.66 -28.82 -10.19
C GLU D 701 0.65 -28.12 -9.29
N VAL D 702 -0.54 -28.72 -9.16
CA VAL D 702 -1.60 -28.20 -8.31
C VAL D 702 -2.00 -29.27 -7.32
N LEU D 703 -2.60 -28.84 -6.22
CA LEU D 703 -3.04 -29.74 -5.15
C LEU D 703 -4.54 -29.96 -5.31
N LEU D 704 -4.90 -31.05 -6.00
CA LEU D 704 -6.29 -31.40 -6.23
C LEU D 704 -6.67 -32.64 -5.42
N ARG D 705 -7.98 -32.77 -5.21
CA ARG D 705 -8.60 -34.00 -4.69
C ARG D 705 -9.17 -34.77 -5.87
N CYS D 706 -8.33 -35.59 -6.51
CA CYS D 706 -8.79 -36.23 -7.74
C CYS D 706 -9.63 -37.47 -7.45
N SER D 707 -9.03 -38.48 -6.82
CA SER D 707 -9.74 -39.72 -6.52
C SER D 707 -8.89 -40.58 -5.61
N LYS D 708 -9.54 -41.27 -4.67
CA LYS D 708 -8.90 -42.43 -4.05
C LYS D 708 -8.65 -43.52 -5.09
N GLU D 709 -9.62 -43.75 -5.97
CA GLU D 709 -9.48 -44.74 -7.04
C GLU D 709 -8.27 -44.46 -7.93
N SER D 710 -7.84 -43.20 -8.03
CA SER D 710 -6.74 -42.86 -8.91
C SER D 710 -5.40 -42.91 -8.21
N LEU D 711 -5.36 -42.65 -6.90
CA LEU D 711 -4.15 -42.89 -6.12
C LEU D 711 -3.98 -44.36 -5.78
N LYS D 712 -5.00 -45.19 -5.98
CA LYS D 712 -4.88 -46.62 -5.75
C LYS D 712 -3.76 -47.22 -6.58
N ASN D 713 -3.76 -46.96 -7.90
CA ASN D 713 -2.72 -47.44 -8.80
C ASN D 713 -1.88 -46.25 -9.23
N SER D 714 -0.61 -46.25 -8.83
CA SER D 714 0.30 -45.20 -9.25
C SER D 714 0.74 -45.36 -10.69
N ALA D 715 0.76 -46.60 -11.20
CA ALA D 715 1.28 -46.86 -12.54
C ALA D 715 0.34 -46.42 -13.65
N THR D 716 -0.95 -46.23 -13.35
CA THR D 716 -1.90 -45.77 -14.36
C THR D 716 -1.71 -44.27 -14.57
N GLU D 717 -1.15 -43.89 -15.71
CA GLU D 717 -0.92 -42.49 -16.03
C GLU D 717 -2.25 -41.84 -16.44
N ALA D 718 -3.04 -41.50 -15.43
CA ALA D 718 -4.34 -40.87 -15.62
C ALA D 718 -4.87 -40.41 -14.27
N ALA D 719 -5.74 -39.40 -14.31
CA ALA D 719 -6.43 -38.92 -13.14
C ALA D 719 -7.93 -39.07 -13.32
N LYS D 720 -8.67 -38.96 -12.23
CA LYS D 720 -10.12 -39.06 -12.22
C LYS D 720 -10.70 -37.87 -11.47
N PRO D 721 -11.74 -37.23 -12.00
CA PRO D 721 -12.39 -36.14 -11.28
C PRO D 721 -13.03 -36.63 -9.99
N ALA D 722 -13.42 -35.66 -9.15
CA ALA D 722 -14.02 -35.99 -7.86
C ALA D 722 -15.33 -36.74 -8.04
N LYS D 723 -15.36 -37.99 -7.58
CA LYS D 723 -16.59 -38.76 -7.60
C LYS D 723 -17.54 -38.24 -6.51
N PRO D 724 -18.85 -38.42 -6.67
CA PRO D 724 -19.78 -38.11 -5.59
C PRO D 724 -19.58 -38.93 -4.32
N ASP D 725 -18.66 -39.89 -4.34
CA ASP D 725 -18.43 -40.77 -3.21
C ASP D 725 -17.56 -40.07 -2.16
N GLU D 726 -17.10 -40.83 -1.17
CA GLU D 726 -16.22 -40.31 -0.11
C GLU D 726 -15.13 -39.42 -0.69
N LYS D 727 -14.85 -38.33 0.02
CA LYS D 727 -14.15 -37.18 -0.56
C LYS D 727 -12.66 -37.43 -0.78
N GLY D 728 -12.14 -38.59 -0.46
CA GLY D 728 -10.76 -38.89 -0.84
C GLY D 728 -9.74 -38.05 -0.08
N GLU D 729 -8.53 -38.05 -0.61
CA GLU D 729 -7.40 -37.30 -0.05
C GLU D 729 -6.88 -36.31 -1.08
N MET D 730 -6.08 -35.37 -0.61
CA MET D 730 -5.48 -34.34 -1.44
C MET D 730 -4.10 -34.79 -1.91
N GLN D 731 -3.80 -34.55 -3.18
CA GLN D 731 -2.52 -34.94 -3.74
C GLN D 731 -2.10 -33.92 -4.80
N VAL D 732 -0.81 -33.92 -5.11
CA VAL D 732 -0.23 -32.96 -6.05
C VAL D 732 -0.32 -33.53 -7.45
N VAL D 733 -1.05 -32.85 -8.33
CA VAL D 733 -1.27 -33.28 -9.70
C VAL D 733 -0.58 -32.29 -10.62
N PRO D 734 0.47 -32.70 -11.34
CA PRO D 734 1.13 -31.83 -12.34
C PRO D 734 0.34 -31.74 -13.64
N VAL D 735 -0.67 -30.89 -13.65
CA VAL D 735 -1.54 -30.72 -14.80
C VAL D 735 -0.84 -29.80 -15.81
N LEU D 736 -1.35 -29.77 -17.03
CA LEU D 736 -0.78 -28.94 -18.07
C LEU D 736 -1.37 -27.54 -18.01
N VAL D 737 -0.55 -26.55 -18.40
CA VAL D 737 -0.97 -25.15 -18.29
C VAL D 737 -2.18 -24.87 -19.17
N HIS D 738 -2.30 -25.57 -20.29
CA HIS D 738 -3.44 -25.37 -21.18
C HIS D 738 -4.75 -25.90 -20.61
N LEU D 739 -4.74 -26.43 -19.38
CA LEU D 739 -5.97 -26.92 -18.77
C LEU D 739 -6.62 -25.93 -17.81
N LEU D 740 -5.87 -24.95 -17.31
CA LEU D 740 -6.41 -23.97 -16.37
C LEU D 740 -7.44 -23.10 -17.08
N SER D 741 -8.72 -23.29 -16.75
CA SER D 741 -9.77 -22.46 -17.33
C SER D 741 -9.75 -21.05 -16.74
N ALA D 742 -9.59 -20.95 -15.43
CA ALA D 742 -9.62 -19.67 -14.74
C ALA D 742 -8.47 -19.59 -13.74
N ILE D 743 -7.99 -18.37 -13.53
CA ILE D 743 -6.93 -18.08 -12.57
C ILE D 743 -7.45 -16.97 -11.68
N SER D 744 -8.00 -17.35 -10.52
CA SER D 744 -8.63 -16.39 -9.64
C SER D 744 -7.57 -15.54 -8.93
N SER D 745 -8.03 -14.64 -8.07
CA SER D 745 -7.15 -13.75 -7.33
C SER D 745 -6.96 -14.16 -5.88
N VAL D 746 -7.98 -14.78 -5.27
CA VAL D 746 -7.86 -15.27 -3.91
C VAL D 746 -6.65 -16.19 -3.80
N ARG D 747 -5.72 -15.87 -2.91
CA ARG D 747 -4.50 -16.64 -2.71
C ARG D 747 -4.47 -17.11 -1.26
N LEU D 748 -4.66 -18.40 -1.05
CA LEU D 748 -4.64 -18.95 0.29
C LEU D 748 -3.20 -19.04 0.80
N TYR D 749 -3.07 -19.04 2.13
CA TYR D 749 -1.78 -19.27 2.75
C TYR D 749 -1.47 -20.77 2.74
N ILE D 750 -0.26 -21.12 2.38
CA ILE D 750 0.13 -22.52 2.29
C ILE D 750 1.01 -22.85 3.49
N PRO D 751 0.83 -24.01 4.13
CA PRO D 751 1.75 -24.41 5.20
C PRO D 751 2.93 -25.22 4.67
N LYS D 752 4.06 -25.05 5.34
CA LYS D 752 5.22 -25.87 5.07
C LYS D 752 4.93 -27.32 5.47
N ASP D 753 5.84 -28.23 5.08
CA ASP D 753 5.76 -29.65 5.43
C ASP D 753 4.44 -30.26 4.96
N LEU D 754 4.26 -30.26 3.64
CA LEU D 754 3.07 -30.82 3.01
C LEU D 754 3.22 -32.30 2.68
N ARG D 755 4.12 -33.01 3.36
CA ARG D 755 4.31 -34.43 3.17
C ARG D 755 3.20 -35.26 3.83
N PRO D 756 2.83 -34.99 5.09
CA PRO D 756 1.76 -35.81 5.71
C PRO D 756 0.44 -35.65 4.99
N VAL D 757 -0.52 -36.48 5.42
CA VAL D 757 -1.81 -36.61 4.74
C VAL D 757 -2.85 -35.73 5.42
N ASP D 758 -2.68 -35.49 6.72
CA ASP D 758 -3.71 -34.79 7.49
C ASP D 758 -3.63 -33.28 7.27
N ASN D 759 -2.43 -32.71 7.34
CA ASN D 759 -2.28 -31.27 7.16
C ASN D 759 -2.64 -30.85 5.74
N ARG D 760 -2.48 -31.74 4.77
CA ARG D 760 -2.90 -31.44 3.41
C ARG D 760 -4.41 -31.30 3.29
N GLN D 761 -5.15 -31.77 4.28
CA GLN D 761 -6.59 -31.53 4.31
C GLN D 761 -6.92 -30.14 4.86
N SER D 762 -6.00 -29.55 5.64
CA SER D 762 -6.20 -28.18 6.11
C SER D 762 -6.38 -27.20 4.96
N VAL D 763 -5.81 -27.52 3.79
CA VAL D 763 -6.05 -26.69 2.61
C VAL D 763 -7.50 -26.82 2.17
N LEU D 764 -8.01 -28.05 2.10
CA LEU D 764 -9.36 -28.28 1.60
C LEU D 764 -10.39 -27.52 2.42
N LYS D 765 -10.37 -27.69 3.74
CA LYS D 765 -11.29 -26.96 4.61
C LYS D 765 -11.15 -25.46 4.47
N SER D 766 -9.97 -24.98 4.04
CA SER D 766 -9.82 -23.55 3.78
C SER D 766 -10.48 -23.15 2.46
N ILE D 767 -10.37 -23.99 1.44
CA ILE D 767 -10.99 -23.70 0.14
C ILE D 767 -12.50 -23.50 0.33
N GLN D 768 -13.17 -24.53 0.86
CA GLN D 768 -14.60 -24.44 1.12
C GLN D 768 -14.95 -23.31 2.08
N GLU D 769 -13.95 -22.69 2.72
CA GLU D 769 -14.21 -21.48 3.49
C GLU D 769 -14.49 -20.30 2.57
N VAL D 770 -13.58 -20.05 1.62
CA VAL D 770 -13.70 -18.87 0.77
C VAL D 770 -14.98 -18.92 -0.04
N GLN D 771 -15.42 -20.13 -0.42
CA GLN D 771 -16.60 -20.27 -1.25
C GLN D 771 -17.87 -19.83 -0.54
N LYS D 772 -17.88 -19.76 0.79
CA LYS D 772 -19.03 -19.14 1.44
C LYS D 772 -18.81 -17.66 1.73
N ARG D 773 -17.55 -17.22 1.80
CA ARG D 773 -17.31 -15.78 1.96
C ARG D 773 -17.79 -15.01 0.74
N PHE D 774 -17.63 -15.58 -0.46
CA PHE D 774 -18.12 -15.00 -1.71
C PHE D 774 -19.23 -15.87 -2.26
N PRO D 775 -20.49 -15.65 -1.86
CA PRO D 775 -21.58 -16.48 -2.39
C PRO D 775 -21.95 -16.19 -3.84
N ASP D 776 -21.20 -15.31 -4.51
CA ASP D 776 -21.42 -14.98 -5.91
C ASP D 776 -20.28 -15.50 -6.79
N GLY D 777 -19.60 -16.56 -6.34
CA GLY D 777 -18.46 -17.09 -7.05
C GLY D 777 -17.18 -16.32 -6.79
N ILE D 778 -16.07 -17.05 -6.69
CA ILE D 778 -14.77 -16.41 -6.42
C ILE D 778 -14.44 -15.46 -7.57
N PRO D 779 -14.00 -14.23 -7.28
CA PRO D 779 -13.72 -13.28 -8.36
C PRO D 779 -12.54 -13.73 -9.21
N LEU D 780 -12.66 -13.54 -10.52
CA LEU D 780 -11.64 -13.94 -11.47
C LEU D 780 -10.75 -12.75 -11.81
N LEU D 781 -9.76 -12.99 -12.65
CA LEU D 781 -8.77 -11.98 -13.05
C LEU D 781 -8.99 -11.65 -14.52
N ASP D 782 -9.82 -10.64 -14.78
CA ASP D 782 -10.02 -10.18 -16.15
C ASP D 782 -8.72 -9.62 -16.70
N PRO D 783 -8.22 -10.14 -17.83
CA PRO D 783 -6.92 -9.69 -18.34
C PRO D 783 -6.89 -8.23 -18.79
N ILE D 784 -8.03 -7.54 -18.82
CA ILE D 784 -8.05 -6.15 -19.27
C ILE D 784 -7.27 -5.27 -18.30
N ASP D 785 -7.68 -5.25 -17.03
CA ASP D 785 -7.11 -4.35 -16.04
C ASP D 785 -6.21 -5.04 -15.02
N ASP D 786 -6.34 -6.35 -14.84
CA ASP D 786 -5.69 -7.04 -13.72
C ASP D 786 -4.46 -7.84 -14.13
N MET D 787 -4.43 -8.38 -15.35
CA MET D 787 -3.28 -9.13 -15.83
C MET D 787 -2.36 -8.30 -16.72
N GLY D 788 -2.80 -7.14 -17.18
CA GLY D 788 -1.99 -6.32 -18.06
C GLY D 788 -1.83 -6.87 -19.47
N ILE D 789 -2.91 -7.37 -20.05
CA ILE D 789 -2.91 -7.85 -21.43
C ILE D 789 -3.23 -6.68 -22.35
N GLN D 790 -2.37 -6.43 -23.32
CA GLN D 790 -2.47 -5.26 -24.19
C GLN D 790 -2.67 -5.61 -25.66
N ASP D 791 -2.91 -6.88 -25.97
CA ASP D 791 -3.06 -7.28 -27.36
C ASP D 791 -4.41 -6.79 -27.91
N GLN D 792 -4.61 -7.00 -29.21
CA GLN D 792 -5.79 -6.52 -29.90
C GLN D 792 -6.86 -7.60 -30.09
N GLY D 793 -6.46 -8.84 -30.39
CA GLY D 793 -7.44 -9.89 -30.61
C GLY D 793 -8.34 -10.13 -29.42
N LEU D 794 -7.76 -10.12 -28.22
CA LEU D 794 -8.57 -10.28 -27.01
C LEU D 794 -9.58 -9.14 -26.88
N LYS D 795 -9.19 -7.93 -27.26
CA LYS D 795 -10.14 -6.82 -27.26
C LYS D 795 -11.27 -7.06 -28.25
N LYS D 796 -10.94 -7.57 -29.44
CA LYS D 796 -11.97 -7.90 -30.42
C LYS D 796 -12.93 -8.95 -29.87
N VAL D 797 -12.41 -9.97 -29.19
CA VAL D 797 -13.28 -11.01 -28.64
C VAL D 797 -14.13 -10.46 -27.51
N ILE D 798 -13.58 -9.55 -26.72
CA ILE D 798 -14.36 -8.89 -25.66
C ILE D 798 -15.52 -8.12 -26.28
N GLN D 799 -15.23 -7.33 -27.32
CA GLN D 799 -16.28 -6.59 -28.02
C GLN D 799 -17.33 -7.54 -28.59
N LYS D 800 -16.90 -8.67 -29.15
CA LYS D 800 -17.83 -9.63 -29.72
C LYS D 800 -18.74 -10.22 -28.66
N VAL D 801 -18.17 -10.56 -27.50
CA VAL D 801 -18.98 -11.16 -26.44
C VAL D 801 -19.91 -10.13 -25.82
N GLU D 802 -19.47 -8.87 -25.73
CA GLU D 802 -20.37 -7.81 -25.28
C GLU D 802 -21.52 -7.62 -26.25
N ALA D 803 -21.25 -7.70 -27.55
CA ALA D 803 -22.31 -7.59 -28.55
C ALA D 803 -23.29 -8.75 -28.44
N PHE D 804 -22.78 -9.97 -28.30
CA PHE D 804 -23.65 -11.12 -28.14
C PHE D 804 -24.49 -11.02 -26.88
N GLU D 805 -23.90 -10.51 -25.79
CA GLU D 805 -24.65 -10.33 -24.55
C GLU D 805 -25.76 -9.30 -24.71
N HIS D 806 -25.46 -8.17 -25.35
CA HIS D 806 -26.48 -7.16 -25.58
C HIS D 806 -27.55 -7.65 -26.56
N ARG D 807 -27.20 -8.58 -27.44
CA ARG D 807 -28.19 -9.20 -28.32
C ARG D 807 -29.05 -10.20 -27.57
N MET D 808 -28.51 -10.84 -26.53
CA MET D 808 -29.27 -11.82 -25.76
C MET D 808 -30.48 -11.22 -25.07
N TYR D 809 -30.45 -9.92 -24.79
CA TYR D 809 -31.60 -9.26 -24.16
C TYR D 809 -32.87 -9.43 -24.99
N SER D 810 -32.74 -9.47 -26.31
CA SER D 810 -33.88 -9.66 -27.20
C SER D 810 -34.01 -11.14 -27.55
N HIS D 811 -34.42 -11.91 -26.55
CA HIS D 811 -34.58 -13.35 -26.71
C HIS D 811 -35.84 -13.68 -27.52
#